data_3QQ2
#
_entry.id   3QQ2
#
_cell.length_a   60.510
_cell.length_b   122.372
_cell.length_c   405.549
_cell.angle_alpha   90.00
_cell.angle_beta   90.00
_cell.angle_gamma   90.00
#
_symmetry.space_group_name_H-M   'C 2 2 21'
#
_entity_poly.entity_id   1
_entity_poly.type   'polypeptide(L)'
_entity_poly.pdbx_seq_one_letter_code
;MAESNALDKRLGELRLRADAGGPWARTFSERQQISNRHARAYDQTVSGLEIGLDRGWSASGGRWYAGGLLGYTYADRTYP
GDGGGKVKGLHVGGYAAYVGDGGYYLDTVLRLGRYDQQYNIAGTDGGRVTADYRTSGAAWSLEGGRRFELPNDWFAEPQA
EVMLWRTSGKRYRASNGLRVKVDANTATLGRLGLRFGRRIALAGGNIVQPYARLGWTQEFKSTGDVRTNGIGHAGAGRHG
RVELGAGVDAALGKGHNLYASYEYAAGDRINIPWSFHAGYRYSF
;
_entity_poly.pdbx_strand_id   A,B,C
#
# COMPACT_ATOMS: atom_id res chain seq x y z
N ASP A 19 7.55 4.24 -36.59
CA ASP A 19 6.77 5.17 -37.42
C ASP A 19 7.67 5.65 -38.56
N ALA A 20 7.19 5.56 -39.80
CA ALA A 20 7.88 6.13 -40.95
C ALA A 20 7.07 7.31 -41.49
N GLY A 21 6.20 7.87 -40.65
CA GLY A 21 5.29 8.92 -41.04
C GLY A 21 3.87 8.39 -41.07
N GLY A 22 2.90 9.29 -41.28
CA GLY A 22 1.48 8.92 -41.37
C GLY A 22 0.51 10.10 -41.43
N PRO A 23 -0.79 9.81 -41.57
CA PRO A 23 -1.80 10.85 -41.49
C PRO A 23 -2.17 11.05 -40.04
N TRP A 24 -2.69 12.22 -39.70
CA TRP A 24 -3.14 12.52 -38.33
C TRP A 24 -4.28 13.53 -38.29
N ALA A 25 -5.10 13.48 -37.26
CA ALA A 25 -6.09 14.51 -37.05
C ALA A 25 -6.10 14.96 -35.59
N ARG A 26 -6.21 16.26 -35.38
CA ARG A 26 -6.31 16.74 -33.99
C ARG A 26 -7.35 17.80 -33.83
N THR A 27 -8.23 17.60 -32.86
CA THR A 27 -9.19 18.61 -32.51
C THR A 27 -8.78 19.26 -31.17
N PHE A 28 -9.40 20.38 -30.83
CA PHE A 28 -9.11 21.10 -29.58
C PHE A 28 -10.13 22.18 -29.31
N SER A 29 -10.18 22.61 -28.06
CA SER A 29 -11.14 23.61 -27.63
C SER A 29 -10.76 24.18 -26.27
N GLU A 30 -10.63 25.48 -26.16
CA GLU A 30 -10.12 26.08 -24.95
C GLU A 30 -10.91 27.31 -24.57
N ARG A 31 -11.42 27.39 -23.35
CA ARG A 31 -12.11 28.62 -22.91
C ARG A 31 -11.22 29.59 -22.16
N GLN A 32 -11.06 30.78 -22.73
CA GLN A 32 -10.30 31.81 -22.05
C GLN A 32 -11.23 32.80 -21.41
N GLN A 33 -10.95 33.11 -20.14
CA GLN A 33 -11.54 34.25 -19.45
C GLN A 33 -10.42 35.25 -19.26
N ILE A 34 -10.30 36.17 -20.21
CA ILE A 34 -9.30 37.23 -20.12
C ILE A 34 -9.95 38.48 -19.51
N SER A 35 -9.22 39.09 -18.59
CA SER A 35 -9.78 40.00 -17.61
C SER A 35 -9.20 41.39 -17.75
N ASN A 36 -9.93 42.36 -17.18
CA ASN A 36 -9.68 43.82 -17.38
C ASN A 36 -8.25 44.34 -17.13
N ALA A 41 -11.94 43.08 -20.35
CA ALA A 41 -12.64 41.85 -19.98
C ALA A 41 -13.42 41.27 -21.16
N TYR A 42 -13.01 40.09 -21.58
CA TYR A 42 -13.77 39.27 -22.52
C TYR A 42 -13.50 37.79 -22.31
N ASP A 43 -14.52 36.99 -22.56
CA ASP A 43 -14.38 35.54 -22.54
C ASP A 43 -14.49 35.00 -23.95
N GLN A 44 -13.52 34.22 -24.37
CA GLN A 44 -13.67 33.59 -25.65
C GLN A 44 -13.50 32.10 -25.57
N THR A 45 -14.21 31.42 -26.47
CA THR A 45 -14.02 29.99 -26.69
C THR A 45 -13.35 29.82 -28.04
N VAL A 46 -12.14 29.26 -28.02
CA VAL A 46 -11.36 28.95 -29.21
C VAL A 46 -11.43 27.46 -29.53
N SER A 47 -12.00 27.10 -30.69
CA SER A 47 -12.09 25.68 -31.11
C SER A 47 -11.38 25.43 -32.41
N GLY A 48 -10.75 24.27 -32.58
CA GLY A 48 -10.12 23.95 -33.87
C GLY A 48 -10.03 22.50 -34.35
N LEU A 49 -9.62 22.33 -35.60
CA LEU A 49 -9.39 21.02 -36.18
C LEU A 49 -8.22 21.08 -37.13
N GLU A 50 -7.14 20.36 -36.83
CA GLU A 50 -6.04 20.18 -37.79
C GLU A 50 -6.05 18.80 -38.48
N ILE A 51 -5.51 18.74 -39.69
CA ILE A 51 -5.32 17.44 -40.34
C ILE A 51 -3.98 17.46 -41.01
N GLY A 52 -3.27 16.33 -40.99
CA GLY A 52 -1.90 16.40 -41.43
C GLY A 52 -1.20 15.10 -41.73
N LEU A 53 -0.04 15.23 -42.35
CA LEU A 53 0.70 14.10 -42.87
C LEU A 53 2.17 14.45 -42.86
N ASP A 54 3.00 13.49 -42.50
CA ASP A 54 4.45 13.66 -42.55
C ASP A 54 5.08 12.36 -43.05
N ARG A 55 6.27 12.45 -43.63
CA ARG A 55 7.08 11.27 -43.93
C ARG A 55 8.28 11.25 -42.97
N GLY A 56 8.73 10.06 -42.62
CA GLY A 56 9.82 9.90 -41.67
C GLY A 56 11.02 9.20 -42.25
N TRP A 57 12.19 9.48 -41.71
CA TRP A 57 13.39 8.76 -42.10
C TRP A 57 14.42 8.58 -40.97
N SER A 58 15.36 7.66 -41.19
CA SER A 58 16.46 7.47 -40.26
C SER A 58 17.64 8.38 -40.58
N ALA A 59 17.76 9.45 -39.82
CA ALA A 59 19.03 10.09 -39.65
C ALA A 59 19.66 9.31 -38.53
N SER A 60 20.80 8.68 -38.78
CA SER A 60 21.57 7.99 -37.73
C SER A 60 21.62 8.81 -36.43
N GLY A 61 21.39 8.13 -35.30
CA GLY A 61 21.34 8.80 -34.01
C GLY A 61 19.97 9.35 -33.68
N GLY A 62 19.20 9.66 -34.71
CA GLY A 62 17.84 10.15 -34.54
C GLY A 62 16.82 9.55 -35.48
N ARG A 63 15.73 10.30 -35.70
CA ARG A 63 14.63 9.91 -36.56
C ARG A 63 13.90 11.21 -36.96
N TRP A 64 13.91 11.54 -38.25
CA TRP A 64 13.41 12.82 -38.76
C TRP A 64 12.02 12.72 -39.42
N TYR A 65 11.22 13.75 -39.24
CA TYR A 65 9.86 13.80 -39.69
C TYR A 65 9.61 15.15 -40.34
N ALA A 66 9.09 15.16 -41.56
CA ALA A 66 8.77 16.41 -42.24
C ALA A 66 7.37 16.25 -42.77
N GLY A 67 6.65 17.34 -42.98
CA GLY A 67 5.30 17.25 -43.53
C GLY A 67 4.45 18.52 -43.43
N GLY A 68 3.15 18.38 -43.63
CA GLY A 68 2.28 19.53 -43.71
C GLY A 68 0.90 19.31 -43.14
N LEU A 69 0.09 20.38 -43.13
CA LEU A 69 -1.21 20.36 -42.46
C LEU A 69 -2.20 21.41 -42.95
N LEU A 70 -3.45 21.20 -42.60
CA LEU A 70 -4.60 21.98 -43.01
C LEU A 70 -5.41 22.14 -41.77
N GLY A 71 -5.91 23.36 -41.52
CA GLY A 71 -6.73 23.60 -40.34
C GLY A 71 -7.92 24.49 -40.50
N TYR A 72 -8.96 24.21 -39.72
CA TYR A 72 -10.02 25.17 -39.43
C TYR A 72 -9.75 25.72 -38.05
N THR A 73 -10.35 26.87 -37.73
CA THR A 73 -10.26 27.46 -36.38
C THR A 73 -11.41 28.43 -36.15
N TYR A 74 -12.02 28.35 -34.98
CA TYR A 74 -13.20 29.12 -34.65
C TYR A 74 -13.08 29.72 -33.25
N ALA A 75 -13.07 31.05 -33.19
CA ALA A 75 -13.02 31.78 -31.93
C ALA A 75 -14.33 32.51 -31.78
N ASP A 76 -15.01 32.27 -30.67
CA ASP A 76 -16.28 32.90 -30.36
C ASP A 76 -16.18 33.75 -29.07
N ARG A 77 -16.25 35.06 -29.22
CA ARG A 77 -15.95 35.98 -28.12
C ARG A 77 -17.18 36.68 -27.47
N THR A 78 -16.96 37.36 -26.35
CA THR A 78 -18.04 37.99 -25.59
C THR A 78 -17.48 39.08 -24.69
N TYR A 79 -17.96 40.30 -24.88
CA TYR A 79 -17.65 41.46 -24.03
C TYR A 79 -18.83 41.61 -23.10
N PRO A 80 -18.67 42.36 -21.97
CA PRO A 80 -19.66 42.30 -20.85
C PRO A 80 -21.15 42.56 -21.21
N GLY A 81 -21.61 43.82 -21.14
CA GLY A 81 -22.97 44.16 -21.54
C GLY A 81 -23.07 44.06 -23.05
N ASP A 82 -22.03 44.57 -23.71
CA ASP A 82 -21.91 44.77 -25.17
C ASP A 82 -22.32 43.58 -26.09
N GLY A 83 -21.32 42.99 -26.72
CA GLY A 83 -21.50 41.85 -27.60
C GLY A 83 -20.12 41.26 -27.78
N GLY A 84 -19.76 40.99 -29.03
CA GLY A 84 -18.39 40.59 -29.36
C GLY A 84 -18.29 39.95 -30.71
N GLY A 85 -17.13 39.39 -31.02
CA GLY A 85 -16.86 38.84 -32.34
C GLY A 85 -17.06 37.35 -32.48
N LYS A 86 -17.08 36.91 -33.73
CA LYS A 86 -16.93 35.51 -34.12
C LYS A 86 -15.70 35.48 -35.03
N VAL A 87 -14.97 34.36 -35.06
CA VAL A 87 -13.76 34.31 -35.93
C VAL A 87 -13.57 32.95 -36.62
N LYS A 88 -13.64 32.93 -37.95
CA LYS A 88 -13.51 31.67 -38.71
C LYS A 88 -12.28 31.73 -39.57
N GLY A 89 -11.61 30.59 -39.76
CA GLY A 89 -10.38 30.59 -40.53
C GLY A 89 -9.86 29.27 -41.02
N LEU A 90 -9.40 29.30 -42.26
CA LEU A 90 -8.68 28.20 -42.88
C LEU A 90 -7.23 28.54 -42.59
N HIS A 91 -6.41 27.51 -42.38
CA HIS A 91 -4.98 27.70 -42.43
C HIS A 91 -4.27 26.45 -42.96
N VAL A 92 -3.10 26.67 -43.56
CA VAL A 92 -2.22 25.61 -43.99
C VAL A 92 -0.95 25.69 -43.19
N GLY A 93 -0.17 24.61 -43.15
CA GLY A 93 1.11 24.65 -42.46
C GLY A 93 2.10 23.59 -42.84
N GLY A 94 3.37 23.84 -42.53
CA GLY A 94 4.42 22.88 -42.77
C GLY A 94 5.30 22.71 -41.55
N TYR A 95 5.77 21.49 -41.34
CA TYR A 95 6.57 21.24 -40.15
C TYR A 95 7.59 20.13 -40.30
N ALA A 96 8.63 20.23 -39.49
CA ALA A 96 9.63 19.19 -39.29
C ALA A 96 9.67 18.82 -37.80
N ALA A 97 10.05 17.60 -37.54
CA ALA A 97 10.16 17.12 -36.20
C ALA A 97 11.40 16.25 -36.21
N TYR A 98 12.20 16.38 -35.16
CA TYR A 98 13.26 15.44 -34.88
C TYR A 98 12.95 14.70 -33.59
N VAL A 99 13.45 13.48 -33.50
CA VAL A 99 13.27 12.66 -32.31
C VAL A 99 14.56 11.92 -32.22
N GLY A 100 15.27 12.10 -31.10
CA GLY A 100 16.58 11.50 -30.91
C GLY A 100 16.49 10.15 -30.25
N ASP A 101 17.51 9.32 -30.51
CA ASP A 101 17.69 8.06 -29.79
C ASP A 101 17.88 8.38 -28.31
N GLY A 102 18.66 9.43 -28.04
CA GLY A 102 19.01 9.84 -26.69
C GLY A 102 17.86 10.47 -25.92
N GLY A 103 16.81 10.87 -26.63
CA GLY A 103 15.62 11.41 -25.97
C GLY A 103 15.27 12.87 -26.23
N TYR A 104 16.07 13.54 -27.05
CA TYR A 104 15.81 14.91 -27.41
C TYR A 104 14.77 14.94 -28.52
N TYR A 105 13.83 15.87 -28.44
CA TYR A 105 12.94 16.12 -29.55
C TYR A 105 12.92 17.60 -29.88
N LEU A 106 12.59 17.94 -31.11
CA LEU A 106 12.20 19.31 -31.40
C LEU A 106 11.31 19.42 -32.61
N ASP A 107 10.26 20.24 -32.52
CA ASP A 107 9.47 20.55 -33.70
C ASP A 107 9.44 22.02 -33.97
N THR A 108 9.48 22.34 -35.26
CA THR A 108 9.18 23.68 -35.72
C THR A 108 8.01 23.58 -36.67
N VAL A 109 7.12 24.57 -36.65
CA VAL A 109 5.91 24.52 -37.45
C VAL A 109 5.52 25.91 -37.89
N LEU A 110 5.22 26.04 -39.18
CA LEU A 110 4.88 27.33 -39.78
C LEU A 110 3.45 27.25 -40.19
N ARG A 111 2.65 28.21 -39.74
CA ARG A 111 1.23 28.25 -40.14
C ARG A 111 0.86 29.54 -40.80
N LEU A 112 0.11 29.43 -41.88
CA LEU A 112 -0.33 30.58 -42.65
C LEU A 112 -1.82 30.51 -42.66
N GLY A 113 -2.48 31.60 -42.31
CA GLY A 113 -3.93 31.57 -42.14
C GLY A 113 -4.61 32.78 -42.70
N ARG A 114 -5.89 32.65 -42.99
CA ARG A 114 -6.70 33.77 -43.40
C ARG A 114 -7.96 33.76 -42.55
N TYR A 115 -8.31 34.91 -41.97
CA TYR A 115 -9.45 34.93 -41.07
C TYR A 115 -10.63 35.80 -41.49
N ASP A 116 -11.77 35.55 -40.89
CA ASP A 116 -13.03 36.21 -41.18
C ASP A 116 -13.71 36.55 -39.89
N GLN A 117 -13.73 37.83 -39.56
CA GLN A 117 -14.30 38.22 -38.30
C GLN A 117 -15.51 39.06 -38.53
N GLN A 118 -16.56 38.78 -37.77
CA GLN A 118 -17.71 39.65 -37.74
C GLN A 118 -17.82 40.21 -36.34
N TYR A 119 -17.26 41.39 -36.09
CA TYR A 119 -17.37 41.97 -34.76
C TYR A 119 -18.70 42.66 -34.58
N ASN A 120 -19.16 42.73 -33.34
CA ASN A 120 -20.43 43.38 -33.06
C ASN A 120 -20.53 44.02 -31.68
N ILE A 121 -20.30 45.33 -31.58
CA ILE A 121 -20.15 45.95 -30.26
C ILE A 121 -21.34 46.81 -29.87
N ALA A 122 -21.29 47.34 -28.65
CA ALA A 122 -22.20 48.37 -28.15
C ALA A 122 -21.42 49.28 -27.21
N GLY A 123 -21.83 50.55 -27.12
CA GLY A 123 -21.07 51.57 -26.41
C GLY A 123 -21.65 52.01 -25.08
N THR A 124 -22.59 51.25 -24.53
CA THR A 124 -23.31 51.58 -23.26
C THR A 124 -24.04 52.95 -23.24
N ASP A 125 -23.66 53.81 -24.20
CA ASP A 125 -24.36 55.07 -24.48
C ASP A 125 -25.56 54.82 -25.44
N GLY A 126 -25.62 53.60 -25.96
CA GLY A 126 -26.64 53.20 -26.92
C GLY A 126 -26.04 52.90 -28.28
N GLY A 127 -24.79 53.33 -28.49
CA GLY A 127 -24.14 53.28 -29.79
C GLY A 127 -23.75 51.89 -30.19
N ARG A 128 -24.06 51.51 -31.43
CA ARG A 128 -23.79 50.17 -31.94
C ARG A 128 -22.92 50.22 -33.19
N VAL A 129 -21.71 49.70 -33.09
CA VAL A 129 -20.82 49.61 -34.23
C VAL A 129 -20.71 48.16 -34.72
N THR A 130 -20.84 47.94 -36.02
CA THR A 130 -20.72 46.59 -36.61
C THR A 130 -19.50 46.45 -37.53
N ALA A 131 -18.82 45.32 -37.49
CA ALA A 131 -17.67 45.13 -38.36
C ALA A 131 -17.61 43.74 -39.01
N ASP A 132 -16.97 43.70 -40.17
CA ASP A 132 -16.93 42.50 -40.97
C ASP A 132 -15.73 42.55 -41.92
N TYR A 133 -14.71 41.73 -41.69
CA TYR A 133 -13.52 41.78 -42.55
C TYR A 133 -12.61 40.55 -42.52
N ARG A 134 -11.79 40.40 -43.58
CA ARG A 134 -10.78 39.33 -43.67
C ARG A 134 -9.45 39.87 -43.20
N THR A 135 -8.60 38.96 -42.72
CA THR A 135 -7.31 39.27 -42.10
C THR A 135 -6.35 38.11 -42.36
N SER A 136 -5.05 38.38 -42.23
CA SER A 136 -4.04 37.34 -42.42
C SER A 136 -3.20 37.08 -41.20
N GLY A 137 -2.91 35.80 -40.95
CA GLY A 137 -2.04 35.43 -39.85
C GLY A 137 -0.95 34.48 -40.24
N ALA A 138 0.14 34.53 -39.51
CA ALA A 138 1.14 33.52 -39.57
C ALA A 138 1.52 33.20 -38.13
N ALA A 139 1.98 31.99 -37.90
CA ALA A 139 2.44 31.61 -36.59
C ALA A 139 3.57 30.66 -36.79
N TRP A 140 4.71 30.97 -36.20
CA TRP A 140 5.85 30.08 -36.30
C TRP A 140 6.25 29.71 -34.90
N SER A 141 6.43 28.43 -34.64
CA SER A 141 6.82 28.03 -33.31
C SER A 141 7.93 27.02 -33.40
N LEU A 142 8.69 26.99 -32.33
CA LEU A 142 9.82 26.12 -32.24
C LEU A 142 9.80 25.59 -30.83
N GLU A 143 9.95 24.27 -30.73
CA GLU A 143 9.75 23.57 -29.49
C GLU A 143 10.70 22.43 -29.40
N GLY A 144 11.23 22.23 -28.19
CA GLY A 144 12.17 21.14 -27.91
C GLY A 144 12.06 20.61 -26.48
N GLY A 145 12.84 19.57 -26.18
CA GLY A 145 12.80 18.96 -24.85
C GLY A 145 13.42 17.58 -24.77
N ARG A 146 13.55 17.09 -23.53
CA ARG A 146 14.20 15.82 -23.29
C ARG A 146 13.38 14.90 -22.41
N ARG A 147 13.49 13.60 -22.69
CA ARG A 147 12.79 12.56 -21.94
C ARG A 147 13.81 11.81 -21.14
N PHE A 148 13.66 11.85 -19.81
CA PHE A 148 14.53 11.11 -18.92
C PHE A 148 13.66 10.00 -18.39
N GLU A 149 14.07 8.75 -18.65
CA GLU A 149 13.34 7.62 -18.11
C GLU A 149 13.78 7.40 -16.66
N LEU A 150 12.86 6.90 -15.84
CA LEU A 150 13.15 6.63 -14.44
C LEU A 150 12.69 5.20 -14.13
N PRO A 151 13.15 4.62 -12.99
CA PRO A 151 12.74 3.28 -12.55
C PRO A 151 11.25 3.01 -12.71
N ASN A 152 10.90 1.81 -13.22
CA ASN A 152 9.50 1.34 -13.34
C ASN A 152 8.75 2.04 -14.49
N ASP A 153 9.52 2.53 -15.45
CA ASP A 153 9.01 3.09 -16.72
C ASP A 153 8.32 4.46 -16.62
N TRP A 154 8.41 5.09 -15.46
CA TRP A 154 8.04 6.50 -15.28
C TRP A 154 9.07 7.37 -15.99
N PHE A 155 8.61 8.44 -16.61
CA PHE A 155 9.53 9.37 -17.27
C PHE A 155 9.35 10.78 -16.77
N ALA A 156 10.37 11.58 -17.02
CA ALA A 156 10.36 13.01 -16.73
C ALA A 156 10.68 13.75 -18.02
N GLU A 157 10.02 14.88 -18.25
CA GLU A 157 10.18 15.53 -19.55
C GLU A 157 10.04 17.02 -19.55
N PRO A 158 11.16 17.72 -19.34
CA PRO A 158 11.17 19.18 -19.46
C PRO A 158 11.00 19.61 -20.92
N GLN A 159 10.22 20.66 -21.14
CA GLN A 159 9.99 21.14 -22.49
C GLN A 159 10.01 22.68 -22.62
N ALA A 160 10.52 23.15 -23.74
CA ALA A 160 10.55 24.58 -24.02
C ALA A 160 9.94 24.89 -25.41
N GLU A 161 9.12 25.93 -25.44
CA GLU A 161 8.43 26.33 -26.64
C GLU A 161 8.42 27.86 -26.74
N VAL A 162 9.13 28.35 -27.74
CA VAL A 162 8.99 29.73 -28.18
C VAL A 162 7.98 29.78 -29.35
N MET A 163 7.14 30.80 -29.39
CA MET A 163 6.13 30.94 -30.43
C MET A 163 6.09 32.39 -30.93
N LEU A 164 6.11 32.58 -32.26
CA LEU A 164 6.00 33.91 -32.87
C LEU A 164 4.78 33.93 -33.75
N TRP A 165 4.00 35.00 -33.69
CA TRP A 165 2.94 35.14 -34.68
C TRP A 165 2.53 36.57 -34.98
N ARG A 166 2.06 36.79 -36.22
CA ARG A 166 1.55 38.08 -36.62
C ARG A 166 0.17 37.99 -37.20
N THR A 167 -0.63 38.98 -36.86
CA THR A 167 -1.93 39.19 -37.43
C THR A 167 -1.81 40.45 -38.28
N SER A 168 -2.61 40.54 -39.35
CA SER A 168 -2.56 41.70 -40.26
C SER A 168 -3.57 42.75 -39.83
N GLY A 169 -3.34 43.99 -40.25
CA GLY A 169 -4.23 45.10 -39.92
C GLY A 169 -5.13 45.49 -41.08
N LYS A 170 -6.06 46.41 -40.81
CA LYS A 170 -6.94 47.06 -41.80
C LYS A 170 -7.44 48.35 -41.19
N ARG A 171 -7.64 49.38 -42.02
CA ARG A 171 -8.09 50.70 -41.57
C ARG A 171 -8.61 51.53 -42.74
N TYR A 172 -9.86 52.00 -42.62
CA TYR A 172 -10.48 52.87 -43.63
C TYR A 172 -11.01 54.15 -42.97
N ARG A 173 -11.89 54.91 -43.63
CA ARG A 173 -12.40 56.12 -43.02
C ARG A 173 -13.45 56.90 -43.81
N ALA A 174 -14.68 56.91 -43.29
CA ALA A 174 -15.73 57.79 -43.78
C ALA A 174 -15.26 59.21 -43.57
N SER A 175 -15.10 59.92 -44.69
CA SER A 175 -14.58 61.26 -44.70
C SER A 175 -15.47 62.17 -43.87
N ASN A 176 -14.87 63.27 -43.45
CA ASN A 176 -15.45 64.23 -42.51
C ASN A 176 -16.28 63.61 -41.38
N GLY A 177 -15.75 62.53 -40.79
CA GLY A 177 -16.38 61.92 -39.63
C GLY A 177 -15.64 60.77 -38.98
N LEU A 178 -15.89 59.56 -39.48
CA LEU A 178 -15.63 58.34 -38.74
C LEU A 178 -14.35 57.61 -39.14
N ARG A 179 -13.65 57.06 -38.14
CA ARG A 179 -12.40 56.35 -38.37
C ARG A 179 -12.41 54.97 -37.70
N VAL A 180 -12.02 53.95 -38.48
CA VAL A 180 -11.98 52.56 -38.03
C VAL A 180 -10.61 51.96 -38.28
N LYS A 181 -9.98 51.48 -37.22
CA LYS A 181 -8.70 50.82 -37.36
C LYS A 181 -8.73 49.42 -36.72
N VAL A 182 -8.30 48.43 -37.48
CA VAL A 182 -8.00 47.12 -36.92
C VAL A 182 -6.50 47.11 -36.79
N ASP A 183 -5.99 46.73 -35.63
CA ASP A 183 -4.57 46.76 -35.43
C ASP A 183 -3.89 45.46 -35.80
N ALA A 184 -2.82 45.57 -36.57
CA ALA A 184 -1.90 44.46 -36.79
C ALA A 184 -1.02 44.26 -35.54
N ASN A 185 -1.55 43.52 -34.58
CA ASN A 185 -0.72 43.04 -33.48
C ASN A 185 0.23 41.90 -33.93
N THR A 186 1.34 41.75 -33.21
CA THR A 186 2.43 40.83 -33.54
C THR A 186 3.06 40.37 -32.23
N ALA A 187 2.97 39.07 -31.92
CA ALA A 187 3.25 38.57 -30.54
C ALA A 187 4.21 37.37 -30.35
N THR A 188 5.19 37.53 -29.46
CA THR A 188 6.04 36.43 -28.97
C THR A 188 5.46 35.68 -27.74
N LEU A 189 5.67 34.36 -27.70
CA LEU A 189 5.40 33.51 -26.54
C LEU A 189 6.62 32.70 -26.20
N GLY A 190 6.87 32.61 -24.89
CA GLY A 190 7.80 31.64 -24.29
C GLY A 190 6.95 30.65 -23.52
N ARG A 191 7.35 29.37 -23.51
CA ARG A 191 6.68 28.40 -22.66
C ARG A 191 7.55 27.29 -22.02
N LEU A 192 7.48 27.25 -20.69
CA LEU A 192 8.20 26.30 -19.84
C LEU A 192 7.22 25.34 -19.20
N GLY A 193 7.63 24.08 -19.08
CA GLY A 193 6.78 23.03 -18.55
C GLY A 193 7.50 21.72 -18.31
N LEU A 194 6.85 20.84 -17.56
CA LEU A 194 7.37 19.52 -17.25
C LEU A 194 6.24 18.52 -17.16
N ARG A 195 6.39 17.36 -17.80
CA ARG A 195 5.46 16.24 -17.56
C ARG A 195 6.10 15.02 -16.86
N PHE A 196 5.35 14.39 -15.96
CA PHE A 196 5.76 13.14 -15.35
C PHE A 196 4.75 12.09 -15.74
N GLY A 197 5.22 10.98 -16.26
CA GLY A 197 4.29 9.87 -16.50
C GLY A 197 4.91 8.51 -16.29
N ARG A 198 4.10 7.48 -16.55
CA ARG A 198 4.57 6.10 -16.61
C ARG A 198 4.21 5.52 -17.99
N ARG A 199 5.19 4.89 -18.64
CA ARG A 199 4.96 4.14 -19.86
C ARG A 199 4.45 2.77 -19.41
N ILE A 200 3.20 2.46 -19.72
CA ILE A 200 2.69 1.21 -19.24
C ILE A 200 2.08 0.24 -20.30
N ALA A 201 2.68 -0.96 -20.38
CA ALA A 201 2.43 -1.92 -21.46
C ALA A 201 1.35 -2.94 -21.11
N LEU A 202 0.25 -2.91 -21.85
CA LEU A 202 -0.90 -3.79 -21.65
C LEU A 202 -0.74 -5.15 -22.35
N ALA A 203 -1.49 -6.15 -21.86
CA ALA A 203 -1.45 -7.50 -22.44
C ALA A 203 -1.83 -7.43 -23.90
N GLY A 204 -0.93 -7.89 -24.77
CA GLY A 204 -1.14 -7.79 -26.22
C GLY A 204 -0.04 -6.96 -26.87
N GLY A 205 -0.28 -5.68 -27.03
CA GLY A 205 0.76 -4.83 -27.58
C GLY A 205 0.56 -3.40 -27.15
N ASN A 206 -0.65 -3.11 -26.67
CA ASN A 206 -1.06 -1.75 -26.32
C ASN A 206 -0.12 -0.95 -25.39
N ILE A 207 -0.10 0.37 -25.55
CA ILE A 207 0.64 1.28 -24.67
C ILE A 207 -0.25 2.40 -24.19
N VAL A 208 -0.71 2.33 -22.95
CA VAL A 208 -1.34 3.48 -22.31
C VAL A 208 -0.23 4.22 -21.61
N GLN A 209 -0.18 5.52 -21.79
CA GLN A 209 0.89 6.32 -21.21
C GLN A 209 0.39 7.64 -20.62
N PRO A 210 -0.20 7.57 -19.42
CA PRO A 210 -0.67 8.76 -18.69
C PRO A 210 0.49 9.59 -18.22
N TYR A 211 0.21 10.86 -17.93
CA TYR A 211 1.17 11.82 -17.36
C TYR A 211 0.36 12.96 -16.79
N ALA A 212 0.93 13.67 -15.82
CA ALA A 212 0.37 14.95 -15.42
C ALA A 212 1.39 16.06 -15.73
N ARG A 213 0.91 17.27 -16.00
CA ARG A 213 1.75 18.31 -16.64
C ARG A 213 1.66 19.65 -15.94
N LEU A 214 2.81 20.24 -15.64
CA LEU A 214 2.84 21.60 -15.10
C LEU A 214 3.54 22.53 -16.05
N GLY A 215 2.94 23.70 -16.29
CA GLY A 215 3.47 24.64 -17.24
C GLY A 215 3.36 26.11 -16.89
N TRP A 216 4.34 26.87 -17.33
CA TRP A 216 4.28 28.31 -17.28
C TRP A 216 4.31 28.87 -18.71
N THR A 217 3.58 29.96 -18.92
CA THR A 217 3.69 30.70 -20.18
C THR A 217 3.36 32.17 -20.06
N GLN A 218 4.05 32.97 -20.86
CA GLN A 218 3.81 34.40 -20.88
C GLN A 218 3.80 34.91 -22.32
N GLU A 219 3.53 36.20 -22.47
CA GLU A 219 3.40 36.83 -23.77
C GLU A 219 3.91 38.23 -23.78
N PHE A 220 4.97 38.55 -24.53
CA PHE A 220 5.03 39.94 -24.98
C PHE A 220 4.37 40.11 -26.35
N LYS A 221 3.37 40.98 -26.38
CA LYS A 221 2.58 41.32 -27.56
C LYS A 221 2.76 42.80 -27.89
N SER A 222 3.39 43.11 -29.02
CA SER A 222 3.67 44.51 -29.40
C SER A 222 2.44 45.24 -29.92
N GLY A 240 1.42 36.36 -18.66
CA GLY A 240 1.98 35.43 -17.68
C GLY A 240 0.94 34.64 -16.89
N ARG A 241 1.23 33.36 -16.66
CA ARG A 241 0.28 32.38 -16.08
C ARG A 241 0.84 30.98 -15.93
N VAL A 242 0.18 30.20 -15.08
CA VAL A 242 0.63 28.85 -14.77
C VAL A 242 -0.44 27.86 -15.17
N GLU A 243 -0.02 26.71 -15.68
CA GLU A 243 -0.95 25.70 -16.17
C GLU A 243 -0.69 24.28 -15.65
N LEU A 244 -1.82 23.63 -15.33
CA LEU A 244 -1.89 22.30 -14.74
C LEU A 244 -2.86 21.46 -15.53
N GLY A 245 -2.44 20.26 -15.89
CA GLY A 245 -3.26 19.39 -16.71
C GLY A 245 -2.74 17.98 -16.67
N ALA A 246 -3.44 17.10 -17.38
CA ALA A 246 -3.12 15.70 -17.40
C ALA A 246 -3.56 15.14 -18.74
N GLY A 247 -2.84 14.14 -19.24
CA GLY A 247 -3.24 13.47 -20.47
C GLY A 247 -2.98 11.99 -20.50
N VAL A 248 -3.48 11.34 -21.54
CA VAL A 248 -3.09 9.97 -21.85
C VAL A 248 -2.81 9.83 -23.32
N ASP A 249 -1.67 9.22 -23.65
CA ASP A 249 -1.36 8.92 -25.06
C ASP A 249 -1.27 7.41 -25.19
N ALA A 250 -2.18 6.81 -25.96
CA ALA A 250 -2.15 5.37 -26.24
C ALA A 250 -1.62 5.06 -27.62
N ALA A 251 -0.80 4.01 -27.70
CA ALA A 251 -0.44 3.30 -28.94
C ALA A 251 -1.24 2.03 -28.93
N LEU A 252 -2.30 1.99 -29.72
CA LEU A 252 -3.13 0.82 -29.75
C LEU A 252 -2.76 -0.01 -30.96
N GLY A 253 -2.07 -1.11 -30.71
CA GLY A 253 -1.63 -2.03 -31.75
C GLY A 253 -2.27 -1.95 -33.14
N LYS A 254 -1.42 -2.05 -34.15
CA LYS A 254 -1.76 -1.95 -35.59
C LYS A 254 -1.83 -0.52 -36.09
N GLY A 255 -0.81 0.25 -35.71
CA GLY A 255 -0.58 1.56 -36.25
C GLY A 255 -1.38 2.68 -35.65
N HIS A 256 -2.36 2.39 -34.80
CA HIS A 256 -3.18 3.46 -34.21
C HIS A 256 -2.55 4.17 -33.00
N ASN A 257 -2.88 5.45 -32.87
CA ASN A 257 -2.41 6.30 -31.80
C ASN A 257 -3.48 7.26 -31.39
N LEU A 258 -3.71 7.33 -30.08
CA LEU A 258 -4.68 8.22 -29.50
C LEU A 258 -4.01 9.06 -28.43
N TYR A 259 -4.33 10.37 -28.44
CA TYR A 259 -3.93 11.30 -27.37
C TYR A 259 -5.15 12.10 -26.89
N ALA A 260 -5.23 12.29 -25.60
CA ALA A 260 -6.20 13.22 -25.04
C ALA A 260 -5.54 13.87 -23.83
N SER A 261 -5.80 15.17 -23.65
CA SER A 261 -5.31 15.89 -22.47
C SER A 261 -6.31 16.92 -22.02
N TYR A 262 -6.24 17.25 -20.74
CA TYR A 262 -7.00 18.36 -20.20
C TYR A 262 -6.00 19.33 -19.63
N GLU A 263 -6.30 20.63 -19.75
CA GLU A 263 -5.44 21.68 -19.18
C GLU A 263 -6.27 22.81 -18.57
N TYR A 264 -5.78 23.29 -17.42
CA TYR A 264 -6.33 24.45 -16.72
C TYR A 264 -5.20 25.44 -16.45
N ALA A 265 -5.48 26.74 -16.59
CA ALA A 265 -4.49 27.79 -16.32
C ALA A 265 -5.07 29.04 -15.63
N ALA A 266 -4.32 29.55 -14.65
CA ALA A 266 -4.65 30.81 -14.04
C ALA A 266 -3.44 31.73 -14.15
N GLY A 267 -3.70 33.02 -14.32
CA GLY A 267 -2.66 34.00 -14.58
C GLY A 267 -3.13 35.43 -14.40
N ASP A 268 -2.27 36.39 -14.78
CA ASP A 268 -2.51 37.84 -14.66
C ASP A 268 -3.78 38.24 -15.35
N ARG A 269 -3.67 38.48 -16.65
CA ARG A 269 -4.79 38.81 -17.53
C ARG A 269 -5.65 37.55 -17.65
N ILE A 270 -4.99 36.40 -17.69
CA ILE A 270 -5.48 35.14 -18.26
C ILE A 270 -6.21 34.25 -17.25
N ASN A 271 -7.20 33.48 -17.72
CA ASN A 271 -7.85 32.44 -16.91
C ASN A 271 -8.59 31.39 -17.73
N ILE A 272 -8.03 30.19 -17.79
CA ILE A 272 -8.49 29.16 -18.71
C ILE A 272 -9.20 28.02 -17.97
N PRO A 273 -10.49 28.18 -17.66
CA PRO A 273 -11.15 27.17 -16.85
C PRO A 273 -11.07 25.79 -17.46
N TRP A 274 -10.93 25.70 -18.78
CA TRP A 274 -10.76 24.42 -19.48
C TRP A 274 -10.17 24.50 -20.85
N SER A 275 -9.39 23.48 -21.21
CA SER A 275 -8.72 23.42 -22.49
C SER A 275 -8.49 21.95 -22.79
N PHE A 276 -9.23 21.45 -23.79
CA PHE A 276 -9.16 20.04 -24.22
C PHE A 276 -8.43 19.90 -25.55
N HIS A 277 -7.62 18.85 -25.68
CA HIS A 277 -7.01 18.45 -26.93
C HIS A 277 -7.22 16.94 -27.08
N ALA A 278 -7.61 16.51 -28.26
CA ALA A 278 -7.74 15.08 -28.58
C ALA A 278 -7.01 14.92 -29.89
N GLY A 279 -6.31 13.83 -30.07
CA GLY A 279 -5.57 13.62 -31.31
C GLY A 279 -5.46 12.17 -31.67
N TYR A 280 -5.55 11.87 -32.98
CA TYR A 280 -5.35 10.52 -33.50
C TYR A 280 -4.25 10.49 -34.58
N ARG A 281 -3.42 9.45 -34.57
CA ARG A 281 -2.40 9.27 -35.61
C ARG A 281 -2.27 7.81 -36.01
N TYR A 282 -2.13 7.57 -37.32
CA TYR A 282 -2.02 6.25 -37.94
C TYR A 282 -0.58 6.08 -38.40
N SER A 283 0.07 5.04 -37.90
CA SER A 283 1.48 4.80 -38.20
C SER A 283 1.64 4.10 -39.54
N PHE A 284 0.50 3.82 -40.14
CA PHE A 284 0.33 3.42 -41.54
C PHE A 284 1.21 2.27 -42.03
N ASP B 19 15.35 36.11 7.02
CA ASP B 19 15.28 36.63 8.45
C ASP B 19 16.40 36.19 9.40
N ALA B 20 16.27 36.58 10.67
CA ALA B 20 17.26 36.32 11.74
C ALA B 20 17.17 34.94 12.35
N GLY B 21 16.01 34.30 12.25
CA GLY B 21 15.72 33.08 12.99
C GLY B 21 14.36 33.29 13.63
N GLY B 22 13.72 32.23 14.10
CA GLY B 22 12.38 32.39 14.63
C GLY B 22 11.72 31.09 15.05
N PRO B 23 10.61 31.20 15.80
CA PRO B 23 9.81 30.05 16.11
C PRO B 23 8.94 29.70 14.91
N TRP B 24 8.40 28.50 14.88
CA TRP B 24 7.45 28.12 13.83
C TRP B 24 6.59 26.94 14.20
N ALA B 25 5.52 26.76 13.44
CA ALA B 25 4.56 25.73 13.74
C ALA B 25 3.93 25.34 12.45
N ARG B 26 3.81 24.04 12.22
CA ARG B 26 3.10 23.57 11.03
C ARG B 26 2.19 22.43 11.38
N THR B 27 1.15 22.28 10.59
CA THR B 27 0.15 21.28 10.86
C THR B 27 -0.09 20.53 9.57
N PHE B 28 -0.39 19.25 9.64
CA PHE B 28 -0.61 18.52 8.38
C PHE B 28 -1.58 17.37 8.49
N SER B 29 -2.23 17.07 7.38
CA SER B 29 -3.10 15.93 7.33
C SER B 29 -3.17 15.32 5.94
N GLU B 30 -2.54 14.17 5.75
CA GLU B 30 -2.55 13.53 4.46
C GLU B 30 -3.44 12.31 4.49
N ARG B 31 -4.17 12.09 3.41
CA ARG B 31 -4.92 10.84 3.22
C ARG B 31 -4.27 9.93 2.19
N GLN B 32 -4.27 8.63 2.45
CA GLN B 32 -3.55 7.70 1.60
C GLN B 32 -4.34 6.44 1.43
N GLN B 33 -4.58 6.07 0.18
CA GLN B 33 -5.30 4.87 -0.17
C GLN B 33 -4.30 4.03 -0.93
N ILE B 34 -3.69 3.12 -0.18
CA ILE B 34 -2.53 2.39 -0.67
C ILE B 34 -2.94 1.02 -1.23
N SER B 35 -2.23 0.60 -2.28
CA SER B 35 -2.64 -0.51 -3.13
C SER B 35 -1.99 -1.86 -2.82
N ASN B 36 -2.75 -2.92 -3.03
CA ASN B 36 -2.41 -4.23 -2.51
C ASN B 36 -1.28 -4.98 -3.21
N ARG B 37 -0.05 -4.69 -2.81
CA ARG B 37 1.13 -5.35 -3.39
C ARG B 37 1.28 -6.77 -2.88
N ALA B 41 -4.34 -3.39 0.00
CA ALA B 41 -5.52 -2.55 0.08
C ALA B 41 -5.76 -2.13 1.53
N TYR B 42 -5.34 -0.91 1.85
CA TYR B 42 -5.76 -0.23 3.07
C TYR B 42 -5.77 1.31 2.94
N ASP B 43 -6.54 1.96 3.82
CA ASP B 43 -6.60 3.42 3.86
C ASP B 43 -6.15 3.97 5.21
N GLN B 44 -5.40 5.08 5.19
CA GLN B 44 -5.00 5.73 6.44
C GLN B 44 -4.91 7.24 6.40
N THR B 45 -5.26 7.85 7.52
CA THR B 45 -5.14 9.28 7.67
C THR B 45 -4.02 9.59 8.62
N VAL B 46 -2.93 10.15 8.07
CA VAL B 46 -1.84 10.68 8.86
C VAL B 46 -2.08 12.15 9.14
N SER B 47 -1.84 12.54 10.39
CA SER B 47 -2.02 13.90 10.84
C SER B 47 -0.89 14.31 11.74
N GLY B 48 -0.50 15.58 11.69
CA GLY B 48 0.53 16.05 12.60
C GLY B 48 0.58 17.50 13.05
N LEU B 49 1.41 17.71 14.06
CA LEU B 49 1.73 19.02 14.60
C LEU B 49 3.21 19.01 14.76
N GLU B 50 3.87 20.02 14.23
CA GLU B 50 5.30 20.15 14.39
C GLU B 50 5.59 21.58 14.79
N ILE B 51 6.48 21.75 15.76
CA ILE B 51 6.78 23.04 16.31
C ILE B 51 8.29 23.13 16.40
N GLY B 52 8.89 24.18 15.83
CA GLY B 52 10.34 24.28 15.82
C GLY B 52 10.88 25.68 15.97
N LEU B 53 12.14 25.80 16.35
CA LEU B 53 12.81 27.09 16.44
C LEU B 53 14.23 27.01 15.87
N ASP B 54 14.65 28.05 15.15
CA ASP B 54 15.95 28.04 14.52
C ASP B 54 16.52 29.40 14.52
N ARG B 55 17.82 29.46 14.32
CA ARG B 55 18.53 30.71 14.42
C ARG B 55 19.39 30.87 13.19
N GLY B 56 19.24 32.02 12.55
CA GLY B 56 19.97 32.34 11.33
C GLY B 56 21.25 33.14 11.55
N TRP B 57 22.16 33.00 10.60
CA TRP B 57 23.35 33.83 10.50
C TRP B 57 23.80 33.86 9.03
N SER B 58 24.77 34.71 8.71
CA SER B 58 25.18 34.89 7.32
C SER B 58 26.60 34.40 7.04
N ALA B 59 26.73 33.69 5.92
CA ALA B 59 28.01 33.18 5.45
C ALA B 59 28.28 33.84 4.12
N SER B 60 29.52 34.25 3.88
CA SER B 60 29.91 34.83 2.60
C SER B 60 29.38 33.92 1.51
N GLY B 61 28.40 34.40 0.77
CA GLY B 61 27.76 33.58 -0.26
C GLY B 61 26.27 33.38 -0.08
N GLY B 62 25.84 33.11 1.15
CA GLY B 62 24.42 32.91 1.44
C GLY B 62 23.99 33.15 2.89
N ARG B 63 23.17 32.24 3.41
CA ARG B 63 22.52 32.42 4.70
C ARG B 63 22.16 31.10 5.39
N TRP B 64 22.85 30.76 6.48
CA TRP B 64 22.60 29.50 7.20
C TRP B 64 21.60 29.67 8.35
N TYR B 65 20.93 28.55 8.68
CA TYR B 65 19.98 28.46 9.79
C TYR B 65 20.16 27.07 10.38
N ALA B 66 20.24 26.98 11.70
CA ALA B 66 20.26 25.70 12.40
C ALA B 66 19.17 25.81 13.42
N GLY B 67 18.64 24.67 13.87
CA GLY B 67 17.45 24.67 14.71
C GLY B 67 17.02 23.28 15.06
N GLY B 68 15.86 23.15 15.68
CA GLY B 68 15.34 21.84 16.09
C GLY B 68 13.84 21.88 16.18
N LEU B 69 13.20 20.76 16.54
CA LEU B 69 11.74 20.66 16.49
C LEU B 69 11.13 19.57 17.37
N LEU B 70 9.93 19.85 17.90
CA LEU B 70 9.11 18.85 18.58
C LEU B 70 8.05 18.47 17.61
N GLY B 71 7.46 17.29 17.80
CA GLY B 71 6.36 16.83 16.95
C GLY B 71 5.44 15.78 17.55
N TYR B 72 4.16 15.88 17.24
CA TYR B 72 3.24 14.80 17.48
C TYR B 72 2.82 14.26 16.10
N THR B 73 2.24 13.07 16.03
CA THR B 73 1.82 12.45 14.76
C THR B 73 0.83 11.35 15.07
N TYR B 74 -0.20 11.27 14.25
CA TYR B 74 -1.31 10.39 14.53
C TYR B 74 -1.84 9.80 13.20
N ALA B 75 -1.79 8.48 13.07
CA ALA B 75 -2.21 7.79 11.87
C ALA B 75 -3.38 6.88 12.18
N ASP B 76 -4.44 7.02 11.38
CA ASP B 76 -5.62 6.16 11.44
C ASP B 76 -5.71 5.22 10.27
N ARG B 77 -5.56 3.92 10.51
CA ARG B 77 -5.54 2.98 9.43
C ARG B 77 -6.76 2.09 9.39
N THR B 78 -7.28 1.89 8.18
CA THR B 78 -8.42 1.00 7.94
C THR B 78 -8.09 -0.07 6.92
N TYR B 79 -8.42 -1.32 7.26
CA TYR B 79 -8.38 -2.43 6.34
C TYR B 79 -9.83 -2.74 6.03
N PRO B 80 -10.19 -2.77 4.73
CA PRO B 80 -11.57 -3.15 4.38
C PRO B 80 -11.68 -4.68 4.30
N GLY B 81 -12.58 -5.31 5.06
CA GLY B 81 -13.34 -4.72 6.16
C GLY B 81 -12.99 -5.48 7.42
N ASP B 82 -11.70 -5.46 7.75
CA ASP B 82 -11.11 -6.33 8.76
C ASP B 82 -10.89 -5.63 10.09
N GLY B 83 -10.88 -4.31 10.09
CA GLY B 83 -10.71 -3.56 11.33
C GLY B 83 -9.91 -2.29 11.12
N GLY B 84 -8.70 -2.27 11.69
CA GLY B 84 -7.80 -1.14 11.55
C GLY B 84 -6.78 -0.95 12.67
N GLY B 85 -5.74 -0.19 12.36
CA GLY B 85 -4.70 0.18 13.30
C GLY B 85 -4.67 1.67 13.57
N LYS B 86 -3.94 2.06 14.62
CA LYS B 86 -3.68 3.45 14.98
C LYS B 86 -2.24 3.51 15.44
N VAL B 87 -1.57 4.62 15.13
CA VAL B 87 -0.18 4.87 15.50
C VAL B 87 -0.04 6.31 16.01
N LYS B 88 0.67 6.49 17.13
CA LYS B 88 0.78 7.80 17.79
C LYS B 88 2.17 7.97 18.26
N GLY B 89 2.73 9.18 18.11
CA GLY B 89 4.00 9.48 18.77
C GLY B 89 4.70 10.82 18.67
N LEU B 90 5.63 11.01 19.59
CA LEU B 90 6.46 12.17 19.77
C LEU B 90 7.66 11.93 18.92
N HIS B 91 8.22 12.99 18.34
CA HIS B 91 9.52 12.90 17.71
C HIS B 91 10.22 14.23 17.95
N VAL B 92 11.52 14.28 17.77
CA VAL B 92 12.26 15.51 17.95
C VAL B 92 13.25 15.52 16.82
N GLY B 93 13.71 16.70 16.41
CA GLY B 93 14.67 16.77 15.34
C GLY B 93 15.55 17.97 15.29
N GLY B 94 16.66 17.84 14.57
CA GLY B 94 17.57 18.93 14.30
C GLY B 94 17.67 19.13 12.79
N TYR B 95 17.97 20.36 12.35
CA TYR B 95 18.11 20.68 10.93
C TYR B 95 19.03 21.87 10.62
N ALA B 96 19.80 21.76 9.55
CA ALA B 96 20.55 22.88 9.01
C ALA B 96 19.88 23.30 7.70
N ALA B 97 20.10 24.53 7.27
CA ALA B 97 19.47 25.06 6.06
C ALA B 97 20.35 26.14 5.43
N TYR B 98 20.43 26.17 4.11
CA TYR B 98 21.24 27.18 3.45
C TYR B 98 20.44 27.87 2.35
N VAL B 99 20.54 29.19 2.27
CA VAL B 99 19.94 29.92 1.16
C VAL B 99 21.02 30.75 0.44
N GLY B 100 21.31 30.42 -0.81
CA GLY B 100 22.29 31.17 -1.60
C GLY B 100 21.63 32.37 -2.26
N ASP B 101 22.32 33.52 -2.24
CA ASP B 101 21.83 34.75 -2.90
C ASP B 101 21.77 34.57 -4.42
N GLY B 102 22.44 33.53 -4.93
CA GLY B 102 22.31 33.15 -6.32
C GLY B 102 21.00 32.48 -6.64
N GLY B 103 20.26 32.06 -5.62
CA GLY B 103 18.98 31.38 -5.80
C GLY B 103 18.95 29.91 -5.41
N TYR B 104 20.12 29.27 -5.32
CA TYR B 104 20.25 27.90 -4.81
C TYR B 104 19.96 27.76 -3.31
N TYR B 105 19.32 26.67 -2.91
CA TYR B 105 19.12 26.34 -1.48
C TYR B 105 19.24 24.85 -1.20
N LEU B 106 19.55 24.49 0.04
CA LEU B 106 19.46 23.12 0.48
C LEU B 106 19.12 22.99 1.96
N ASP B 107 18.38 21.94 2.32
CA ASP B 107 18.16 21.63 3.73
C ASP B 107 18.37 20.17 3.98
N THR B 108 18.81 19.88 5.20
CA THR B 108 18.76 18.54 5.71
C THR B 108 18.08 18.53 7.09
N VAL B 109 17.60 17.38 7.52
CA VAL B 109 16.87 17.30 8.79
C VAL B 109 16.82 15.86 9.27
N LEU B 110 17.02 15.66 10.57
CA LEU B 110 16.99 14.34 11.15
C LEU B 110 15.90 14.33 12.18
N ARG B 111 15.11 13.27 12.26
CA ARG B 111 14.10 13.16 13.32
C ARG B 111 14.21 11.84 14.09
N LEU B 112 13.79 11.82 15.35
CA LEU B 112 13.80 10.59 16.11
C LEU B 112 12.45 10.42 16.78
N GLY B 113 11.79 9.29 16.55
CA GLY B 113 10.43 9.13 16.98
C GLY B 113 10.30 7.99 17.93
N ARG B 114 9.21 7.99 18.68
CA ARG B 114 8.80 6.88 19.49
C ARG B 114 7.35 6.71 19.22
N TYR B 115 6.91 5.48 18.96
CA TYR B 115 5.53 5.23 18.56
C TYR B 115 4.75 4.20 19.35
N ASP B 116 3.45 4.42 19.42
CA ASP B 116 2.49 3.51 20.03
C ASP B 116 1.49 3.01 19.01
N GLN B 117 1.48 1.70 18.78
CA GLN B 117 0.64 1.13 17.76
C GLN B 117 -0.41 0.24 18.39
N GLN B 118 -1.67 0.44 18.05
CA GLN B 118 -2.68 -0.57 18.38
C GLN B 118 -3.23 -1.13 17.08
N TYR B 119 -3.05 -2.42 16.86
CA TYR B 119 -3.61 -3.08 15.70
C TYR B 119 -4.75 -3.94 16.14
N ASN B 120 -5.84 -3.88 15.41
CA ASN B 120 -6.97 -4.77 15.64
C ASN B 120 -7.54 -5.29 14.33
N ILE B 121 -7.25 -6.55 14.01
CA ILE B 121 -7.78 -7.14 12.78
C ILE B 121 -8.75 -8.31 12.98
N ALA B 122 -9.57 -8.54 11.95
CA ALA B 122 -10.43 -9.71 11.80
C ALA B 122 -10.35 -10.18 10.34
N GLY B 123 -9.52 -11.19 10.06
CA GLY B 123 -9.32 -11.70 8.70
C GLY B 123 -10.22 -12.87 8.40
N THR B 124 -10.99 -12.79 7.30
CA THR B 124 -12.13 -13.72 6.97
C THR B 124 -12.85 -14.27 8.23
N ASP B 125 -13.30 -15.52 8.14
CA ASP B 125 -13.70 -16.24 9.32
C ASP B 125 -12.45 -16.43 10.16
N GLY B 126 -12.64 -16.75 11.43
CA GLY B 126 -11.51 -17.01 12.32
C GLY B 126 -11.59 -16.26 13.62
N GLY B 127 -10.86 -15.15 13.70
CA GLY B 127 -10.78 -14.42 14.95
C GLY B 127 -9.97 -13.16 14.81
N ARG B 128 -9.61 -12.58 15.95
CA ARG B 128 -8.87 -11.31 16.01
C ARG B 128 -7.45 -11.50 16.55
N VAL B 129 -6.51 -10.89 15.87
CA VAL B 129 -5.23 -10.57 16.47
C VAL B 129 -5.36 -9.12 16.96
N THR B 130 -4.84 -8.85 18.15
CA THR B 130 -4.95 -7.56 18.80
C THR B 130 -3.60 -7.13 19.37
N ALA B 131 -2.81 -6.42 18.58
CA ALA B 131 -1.49 -5.93 19.03
C ALA B 131 -1.49 -4.55 19.70
N ASP B 132 -0.56 -4.39 20.64
CA ASP B 132 -0.20 -3.11 21.25
C ASP B 132 1.27 -3.16 21.46
N TYR B 133 2.03 -2.43 20.67
CA TYR B 133 3.47 -2.42 20.88
C TYR B 133 4.02 -1.02 20.70
N ARG B 134 5.30 -0.86 20.97
CA ARG B 134 5.96 0.44 20.79
C ARG B 134 7.11 0.26 19.86
N THR B 135 7.44 1.31 19.12
CA THR B 135 8.45 1.17 18.10
C THR B 135 9.28 2.46 17.94
N SER B 136 10.43 2.37 17.29
CA SER B 136 11.34 3.51 17.15
C SER B 136 11.69 3.74 15.73
N GLY B 137 11.45 4.97 15.26
CA GLY B 137 11.75 5.36 13.89
C GLY B 137 12.80 6.44 13.89
N ALA B 138 13.46 6.61 12.75
CA ALA B 138 14.43 7.70 12.55
C ALA B 138 14.35 8.11 11.10
N ALA B 139 14.05 9.39 10.83
CA ALA B 139 13.96 9.85 9.46
C ALA B 139 14.99 10.93 9.09
N TRP B 140 15.75 10.71 8.02
CA TRP B 140 16.69 11.74 7.53
C TRP B 140 16.41 12.22 6.08
N SER B 141 16.50 13.53 5.81
CA SER B 141 16.26 14.04 4.45
C SER B 141 17.08 15.26 3.96
N LEU B 142 17.93 15.04 2.96
CA LEU B 142 18.61 16.11 2.26
C LEU B 142 17.72 16.65 1.15
N GLU B 143 17.83 17.94 0.84
CA GLU B 143 17.05 18.55 -0.23
C GLU B 143 17.78 19.64 -0.97
N GLY B 144 17.62 19.64 -2.30
CA GLY B 144 18.19 20.67 -3.16
C GLY B 144 17.08 21.46 -3.82
N GLY B 145 17.43 22.61 -4.40
CA GLY B 145 16.49 23.39 -5.16
C GLY B 145 17.08 24.68 -5.66
N ARG B 146 16.51 25.22 -6.74
CA ARG B 146 16.99 26.47 -7.31
C ARG B 146 15.88 27.36 -7.83
N ARG B 147 15.86 28.60 -7.35
CA ARG B 147 14.96 29.63 -7.83
C ARG B 147 15.53 30.21 -9.09
N PHE B 148 14.74 30.20 -10.14
CA PHE B 148 15.04 31.00 -11.30
C PHE B 148 13.96 32.06 -11.29
N GLU B 149 14.36 33.30 -11.50
CA GLU B 149 13.41 34.40 -11.55
C GLU B 149 12.98 34.65 -12.99
N LEU B 150 11.67 34.67 -13.26
CA LEU B 150 11.14 34.96 -14.61
C LEU B 150 10.51 36.35 -14.73
N PRO B 151 10.58 36.99 -15.91
CA PRO B 151 9.96 38.31 -16.12
C PRO B 151 8.66 38.55 -15.35
N ASN B 152 8.52 39.76 -14.84
CA ASN B 152 7.33 40.17 -14.10
C ASN B 152 7.07 39.33 -12.85
N ASP B 153 8.11 39.14 -12.05
CA ASP B 153 7.98 38.54 -10.71
C ASP B 153 7.60 37.06 -10.63
N TRP B 154 7.56 36.40 -11.77
CA TRP B 154 7.30 34.99 -11.82
C TRP B 154 8.57 34.25 -11.49
N PHE B 155 8.45 33.08 -10.89
CA PHE B 155 9.62 32.23 -10.66
C PHE B 155 9.36 30.76 -11.02
N ALA B 156 10.44 30.09 -11.38
CA ALA B 156 10.43 28.64 -11.55
C ALA B 156 11.33 28.01 -10.49
N GLU B 157 10.94 26.85 -9.98
CA GLU B 157 11.74 26.21 -8.96
C GLU B 157 11.84 24.70 -9.10
N PRO B 158 12.93 24.22 -9.71
CA PRO B 158 13.25 22.80 -9.72
C PRO B 158 13.84 22.40 -8.38
N GLN B 159 13.43 21.24 -7.87
CA GLN B 159 13.92 20.75 -6.60
C GLN B 159 14.02 19.25 -6.61
N ALA B 160 15.16 18.72 -6.17
CA ALA B 160 15.28 17.29 -5.85
C ALA B 160 15.56 17.08 -4.34
N GLU B 161 15.10 15.95 -3.81
CA GLU B 161 15.23 15.57 -2.39
C GLU B 161 15.52 14.07 -2.23
N VAL B 162 16.40 13.73 -1.29
CA VAL B 162 16.58 12.33 -0.87
C VAL B 162 16.03 12.15 0.56
N MET B 163 15.40 11.02 0.87
CA MET B 163 14.95 10.71 2.23
C MET B 163 15.19 9.26 2.58
N LEU B 164 15.95 9.02 3.65
CA LEU B 164 16.13 7.69 4.20
C LEU B 164 15.34 7.65 5.49
N TRP B 165 14.80 6.48 5.85
CA TRP B 165 14.15 6.28 7.16
C TRP B 165 14.15 4.80 7.61
N ARG B 166 14.18 4.59 8.93
CA ARG B 166 14.09 3.26 9.51
C ARG B 166 13.02 3.15 10.59
N THR B 167 12.84 1.93 11.05
CA THR B 167 11.80 1.56 11.99
C THR B 167 12.38 0.35 12.70
N SER B 168 12.24 0.30 14.02
CA SER B 168 12.66 -0.85 14.79
C SER B 168 11.62 -1.95 14.63
N GLY B 169 12.06 -3.20 14.71
CA GLY B 169 11.13 -4.33 14.72
C GLY B 169 10.73 -4.71 16.14
N LYS B 170 9.96 -5.80 16.25
CA LYS B 170 9.81 -6.52 17.50
C LYS B 170 9.55 -7.97 17.16
N ARG B 171 9.93 -8.87 18.05
CA ARG B 171 9.83 -10.30 17.78
C ARG B 171 9.56 -11.11 19.05
N TYR B 172 8.28 -11.41 19.26
CA TYR B 172 7.84 -12.34 20.32
C TYR B 172 7.28 -13.62 19.73
N ARG B 173 7.56 -14.74 20.38
CA ARG B 173 6.93 -15.99 19.99
C ARG B 173 6.40 -16.74 21.18
N ALA B 174 5.14 -17.16 21.06
CA ALA B 174 4.59 -18.23 21.88
C ALA B 174 4.99 -19.54 21.21
N SER B 175 5.21 -20.59 21.99
CA SER B 175 5.53 -21.88 21.39
C SER B 175 4.26 -22.63 21.00
N ASN B 176 4.44 -23.81 20.42
CA ASN B 176 3.35 -24.63 19.85
C ASN B 176 2.05 -23.84 19.66
N GLY B 177 2.11 -22.79 18.82
CA GLY B 177 0.94 -21.95 18.62
C GLY B 177 1.15 -20.93 17.52
N LEU B 178 1.27 -19.67 17.89
CA LEU B 178 1.53 -18.64 16.90
C LEU B 178 2.82 -17.87 17.21
N ARG B 179 3.51 -17.47 16.15
CA ARG B 179 4.70 -16.65 16.24
C ARG B 179 4.39 -15.31 15.58
N VAL B 180 4.73 -14.23 16.27
CA VAL B 180 4.34 -12.90 15.82
C VAL B 180 5.54 -11.95 15.67
N LYS B 181 5.61 -11.24 14.54
CA LYS B 181 6.79 -10.42 14.21
C LYS B 181 6.45 -9.09 13.53
N VAL B 182 7.02 -8.00 14.05
CA VAL B 182 6.97 -6.72 13.35
C VAL B 182 8.29 -6.54 12.63
N ASP B 183 8.19 -6.07 11.38
CA ASP B 183 9.37 -5.97 10.52
C ASP B 183 10.18 -4.68 10.67
N ALA B 184 11.38 -4.81 11.24
CA ALA B 184 12.36 -3.74 11.22
C ALA B 184 12.60 -3.41 9.76
N ASN B 185 11.73 -2.56 9.22
CA ASN B 185 11.86 -2.17 7.84
C ASN B 185 12.55 -0.80 7.74
N THR B 186 13.00 -0.45 6.54
CA THR B 186 13.96 0.63 6.30
C THR B 186 13.92 1.03 4.81
N ALA B 187 13.55 2.28 4.51
CA ALA B 187 13.24 2.65 3.13
C ALA B 187 13.93 3.90 2.61
N THR B 188 14.21 3.94 1.32
CA THR B 188 14.78 5.13 0.70
C THR B 188 13.79 5.84 -0.27
N LEU B 189 13.81 7.18 -0.26
CA LEU B 189 12.93 8.00 -1.10
C LEU B 189 13.68 8.97 -2.01
N GLY B 190 13.51 8.77 -3.32
CA GLY B 190 13.84 9.77 -4.32
C GLY B 190 12.64 10.69 -4.46
N ARG B 191 12.87 11.93 -4.85
CA ARG B 191 11.76 12.84 -5.10
C ARG B 191 12.19 14.01 -5.93
N LEU B 192 11.53 14.18 -7.07
CA LEU B 192 11.77 15.33 -7.94
C LEU B 192 10.54 16.22 -7.93
N GLY B 193 10.71 17.49 -8.25
CA GLY B 193 9.62 18.43 -8.14
C GLY B 193 9.84 19.72 -8.87
N LEU B 194 8.73 20.41 -9.17
CA LEU B 194 8.78 21.75 -9.78
C LEU B 194 7.55 22.57 -9.45
N ARG B 195 7.78 23.82 -9.10
CA ARG B 195 6.70 24.73 -8.84
C ARG B 195 6.88 25.99 -9.70
N PHE B 196 5.77 26.61 -10.06
CA PHE B 196 5.86 27.87 -10.77
C PHE B 196 5.16 28.84 -9.89
N GLY B 197 5.66 30.06 -9.81
CA GLY B 197 5.00 31.00 -8.94
C GLY B 197 5.15 32.43 -9.32
N ARG B 198 4.23 33.25 -8.81
CA ARG B 198 4.36 34.71 -8.84
C ARG B 198 4.60 35.20 -7.42
N ARG B 199 5.57 36.08 -7.23
CA ARG B 199 5.64 36.84 -5.97
C ARG B 199 5.05 38.21 -6.24
N ILE B 200 3.94 38.53 -5.59
CA ILE B 200 3.35 39.83 -5.80
C ILE B 200 3.27 40.71 -4.54
N ALA B 201 3.80 41.93 -4.66
CA ALA B 201 3.86 42.89 -3.54
C ALA B 201 2.54 43.60 -3.34
N LEU B 202 2.09 43.70 -2.11
CA LEU B 202 0.85 44.38 -1.81
C LEU B 202 1.09 45.68 -1.05
N ALA B 203 0.15 46.63 -1.13
CA ALA B 203 0.23 47.85 -0.34
C ALA B 203 0.70 47.48 1.08
N GLY B 204 1.52 48.35 1.66
CA GLY B 204 2.22 48.03 2.91
C GLY B 204 3.58 47.46 2.59
N GLY B 205 3.93 46.35 3.23
CA GLY B 205 5.16 45.66 2.89
C GLY B 205 4.83 44.20 2.79
N ASN B 206 3.70 43.90 2.14
CA ASN B 206 3.14 42.55 2.17
C ASN B 206 3.44 41.75 0.92
N ILE B 207 4.18 40.66 1.09
CA ILE B 207 4.50 39.77 -0.03
C ILE B 207 3.61 38.51 -0.03
N VAL B 208 2.82 38.37 -1.10
CA VAL B 208 2.08 37.14 -1.27
C VAL B 208 2.80 36.39 -2.34
N GLN B 209 2.92 35.08 -2.17
CA GLN B 209 3.63 34.25 -3.12
C GLN B 209 2.80 32.99 -3.37
N PRO B 210 1.99 33.01 -4.43
CA PRO B 210 1.24 31.83 -4.80
C PRO B 210 2.09 30.94 -5.68
N TYR B 211 1.77 29.65 -5.73
CA TYR B 211 2.49 28.71 -6.60
C TYR B 211 1.63 27.51 -6.97
N ALA B 212 2.02 26.82 -8.04
CA ALA B 212 1.52 25.49 -8.37
C ALA B 212 2.71 24.57 -8.50
N ARG B 213 2.53 23.33 -8.04
CA ARG B 213 3.64 22.39 -7.82
C ARG B 213 3.28 21.09 -8.48
N LEU B 214 4.26 20.49 -9.12
CA LEU B 214 4.14 19.16 -9.69
C LEU B 214 5.30 18.34 -9.16
N GLY B 215 5.02 17.10 -8.74
CA GLY B 215 6.07 16.25 -8.23
C GLY B 215 6.02 14.80 -8.64
N TRP B 216 7.20 14.18 -8.64
CA TRP B 216 7.32 12.73 -8.75
C TRP B 216 8.22 12.17 -7.66
N THR B 217 7.62 11.39 -6.78
CA THR B 217 8.36 10.73 -5.72
C THR B 217 8.21 9.22 -5.83
N GLN B 218 9.35 8.55 -5.96
CA GLN B 218 9.43 7.09 -5.89
C GLN B 218 9.92 6.64 -4.50
N GLU B 219 9.54 5.44 -4.10
CA GLU B 219 10.01 4.85 -2.85
C GLU B 219 10.64 3.48 -3.06
N PHE B 220 11.96 3.38 -2.90
CA PHE B 220 12.65 2.06 -2.79
C PHE B 220 12.52 1.49 -1.36
N LYS B 221 11.99 0.28 -1.21
CA LYS B 221 11.78 -0.30 0.14
C LYS B 221 12.51 -1.63 0.39
N SER B 222 12.70 -1.94 1.67
CA SER B 222 13.36 -3.19 2.11
C SER B 222 12.39 -4.30 2.51
N THR B 223 11.34 -3.94 3.27
CA THR B 223 10.39 -4.92 3.84
C THR B 223 9.55 -5.67 2.80
N GLY B 237 12.46 -3.56 -4.62
CA GLY B 237 11.03 -3.33 -4.44
C GLY B 237 10.69 -1.86 -4.53
N ARG B 238 10.50 -1.39 -5.77
CA ARG B 238 10.22 0.03 -6.10
C ARG B 238 8.78 0.26 -6.51
N HIS B 239 8.32 1.49 -6.29
CA HIS B 239 7.16 2.03 -7.02
C HIS B 239 7.35 3.52 -7.41
N GLY B 240 6.23 4.24 -7.55
CA GLY B 240 6.24 5.66 -7.85
C GLY B 240 4.84 6.20 -7.69
N ARG B 241 4.73 7.53 -7.76
CA ARG B 241 3.45 8.24 -7.80
C ARG B 241 3.70 9.66 -8.24
N VAL B 242 2.62 10.32 -8.65
CA VAL B 242 2.71 11.67 -9.19
C VAL B 242 1.84 12.57 -8.32
N GLU B 243 2.31 13.79 -8.10
CA GLU B 243 1.62 14.69 -7.18
C GLU B 243 1.37 16.09 -7.76
N LEU B 244 0.12 16.51 -7.64
CA LEU B 244 -0.34 17.77 -8.20
C LEU B 244 -0.77 18.61 -7.07
N GLY B 245 -0.23 19.82 -6.97
CA GLY B 245 -0.65 20.71 -5.90
C GLY B 245 -0.49 22.20 -6.12
N ALA B 246 -1.16 22.97 -5.27
CA ALA B 246 -1.02 24.43 -5.19
C ALA B 246 -0.86 24.92 -3.73
N GLY B 247 -0.40 26.14 -3.54
CA GLY B 247 -0.31 26.72 -2.21
C GLY B 247 0.17 28.14 -2.25
N VAL B 248 -0.01 28.85 -1.14
CA VAL B 248 0.42 30.24 -1.02
C VAL B 248 1.28 30.41 0.21
N ASP B 249 2.43 31.04 0.05
CA ASP B 249 3.09 31.58 1.22
C ASP B 249 2.84 33.07 1.16
N ALA B 250 2.54 33.65 2.31
CA ALA B 250 2.44 35.09 2.48
C ALA B 250 3.24 35.57 3.69
N ALA B 251 3.94 36.67 3.47
CA ALA B 251 4.64 37.44 4.49
C ALA B 251 3.79 38.65 4.80
N LEU B 252 2.87 38.45 5.73
CA LEU B 252 2.02 39.50 6.25
C LEU B 252 2.76 40.39 7.26
N GLY B 253 3.42 41.43 6.73
CA GLY B 253 4.17 42.47 7.48
C GLY B 253 4.13 42.51 9.00
N LYS B 254 5.27 42.90 9.60
CA LYS B 254 5.59 42.74 11.03
C LYS B 254 5.88 41.26 11.33
N GLY B 255 6.93 40.73 10.69
CA GLY B 255 7.45 39.40 11.01
C GLY B 255 6.62 38.14 10.85
N HIS B 256 5.33 38.27 10.56
CA HIS B 256 4.52 37.10 10.31
C HIS B 256 4.68 36.49 8.90
N ASN B 257 4.54 35.16 8.84
CA ASN B 257 4.54 34.41 7.61
C ASN B 257 3.54 33.26 7.73
N LEU B 258 2.69 33.09 6.72
CA LEU B 258 1.73 32.00 6.72
C LEU B 258 1.97 31.22 5.45
N TYR B 259 1.92 29.88 5.55
CA TYR B 259 2.00 28.99 4.39
C TYR B 259 0.80 28.07 4.45
N ALA B 260 0.20 27.81 3.30
CA ALA B 260 -0.82 26.82 3.18
C ALA B 260 -0.58 26.15 1.84
N SER B 261 -0.93 24.87 1.75
CA SER B 261 -0.82 24.17 0.48
C SER B 261 -1.72 22.96 0.42
N TYR B 262 -2.19 22.66 -0.78
CA TYR B 262 -2.95 21.47 -1.06
C TYR B 262 -2.23 20.61 -2.11
N GLU B 263 -2.20 19.30 -1.86
CA GLU B 263 -1.54 18.38 -2.77
C GLU B 263 -2.40 17.13 -2.99
N TYR B 264 -2.53 16.75 -4.26
CA TYR B 264 -3.20 15.52 -4.68
C TYR B 264 -2.17 14.67 -5.40
N ALA B 265 -2.23 13.36 -5.15
CA ALA B 265 -1.25 12.39 -5.68
C ALA B 265 -1.86 11.09 -6.19
N ALA B 266 -1.23 10.51 -7.20
CA ALA B 266 -1.72 9.25 -7.81
C ALA B 266 -0.55 8.46 -8.39
N GLY B 267 -0.45 7.18 -8.03
CA GLY B 267 0.65 6.32 -8.47
C GLY B 267 0.38 4.82 -8.53
N ASP B 268 1.46 4.02 -8.62
CA ASP B 268 1.42 2.54 -8.67
C ASP B 268 0.63 1.93 -7.53
N ARG B 269 1.23 1.97 -6.35
CA ARG B 269 0.71 1.36 -5.14
C ARG B 269 0.08 2.36 -4.17
N ILE B 270 0.00 3.64 -4.55
CA ILE B 270 -0.56 4.69 -3.66
C ILE B 270 -1.49 5.66 -4.38
N ASN B 271 -2.55 6.07 -3.67
CA ASN B 271 -3.35 7.20 -4.10
C ASN B 271 -3.79 8.11 -2.99
N ILE B 272 -3.19 9.30 -2.97
CA ILE B 272 -3.41 10.34 -1.98
C ILE B 272 -4.45 11.33 -2.50
N PRO B 273 -5.73 11.15 -2.13
CA PRO B 273 -6.84 11.99 -2.59
C PRO B 273 -6.74 13.43 -2.12
N TRP B 274 -6.12 13.65 -0.96
CA TRP B 274 -5.95 15.00 -0.41
C TRP B 274 -4.85 15.07 0.63
N SER B 275 -4.20 16.21 0.71
CA SER B 275 -3.08 16.43 1.59
C SER B 275 -3.00 17.93 1.83
N PHE B 276 -3.15 18.35 3.09
CA PHE B 276 -3.17 19.77 3.45
C PHE B 276 -2.02 20.13 4.39
N HIS B 277 -1.26 21.15 4.03
CA HIS B 277 -0.23 21.68 4.89
C HIS B 277 -0.56 23.13 5.21
N ALA B 278 -0.38 23.49 6.47
CA ALA B 278 -0.45 24.87 6.94
C ALA B 278 0.64 25.09 7.97
N GLY B 279 0.98 26.35 8.23
CA GLY B 279 1.87 26.67 9.33
C GLY B 279 2.35 28.09 9.34
N TYR B 280 2.93 28.49 10.48
CA TYR B 280 3.28 29.88 10.78
C TYR B 280 4.75 30.03 11.21
N ARG B 281 5.30 31.22 11.00
CA ARG B 281 6.65 31.54 11.43
C ARG B 281 6.77 33.02 11.79
N TYR B 282 7.15 33.33 13.04
CA TYR B 282 7.53 34.69 13.43
C TYR B 282 8.94 34.91 12.92
N SER B 283 9.14 36.02 12.22
CA SER B 283 10.37 36.22 11.50
C SER B 283 11.51 36.80 12.33
N PHE B 284 11.24 37.70 13.27
CA PHE B 284 12.31 38.29 14.09
C PHE B 284 13.27 39.18 13.27
N ASP C 19 -17.01 -59.53 24.91
CA ASP C 19 -18.13 -58.58 25.24
C ASP C 19 -19.12 -58.41 24.08
N ALA C 20 -18.58 -58.26 22.87
CA ALA C 20 -19.36 -57.99 21.65
C ALA C 20 -20.18 -56.67 21.63
N GLY C 21 -19.49 -55.57 21.37
CA GLY C 21 -20.13 -54.26 21.10
C GLY C 21 -20.63 -53.49 22.32
N GLY C 22 -20.60 -52.17 22.25
CA GLY C 22 -21.12 -51.33 23.34
C GLY C 22 -20.75 -49.85 23.33
N PRO C 23 -21.50 -49.04 24.11
CA PRO C 23 -21.19 -47.63 24.32
C PRO C 23 -20.41 -47.38 25.61
N TRP C 24 -19.39 -46.51 25.53
CA TRP C 24 -18.47 -46.23 26.65
C TRP C 24 -18.20 -44.74 26.81
N ALA C 25 -17.85 -44.33 28.04
CA ALA C 25 -17.54 -42.92 28.34
C ALA C 25 -16.31 -42.79 29.23
N ARG C 26 -15.39 -41.95 28.81
CA ARG C 26 -14.13 -41.80 29.53
C ARG C 26 -13.62 -40.36 29.62
N THR C 27 -13.26 -39.97 30.84
CA THR C 27 -12.72 -38.64 31.12
C THR C 27 -11.24 -38.74 31.50
N PHE C 28 -10.44 -37.86 30.93
CA PHE C 28 -9.02 -37.77 31.28
C PHE C 28 -8.61 -36.34 31.66
N SER C 29 -7.39 -36.20 32.17
CA SER C 29 -6.86 -34.93 32.66
C SER C 29 -5.35 -34.99 32.94
N GLU C 30 -4.58 -34.45 32.01
CA GLU C 30 -3.13 -34.50 32.08
C GLU C 30 -2.50 -33.18 32.57
N ARG C 31 -1.20 -33.22 32.85
CA ARG C 31 -0.40 -31.99 32.92
C ARG C 31 0.95 -32.13 32.20
N GLN C 32 1.05 -31.48 31.05
CA GLN C 32 2.25 -31.47 30.24
C GLN C 32 3.16 -30.26 30.56
N GLN C 33 4.47 -30.52 30.60
CA GLN C 33 5.53 -29.52 30.75
C GLN C 33 6.54 -29.62 29.63
N ILE C 34 6.32 -28.86 28.57
CA ILE C 34 7.21 -28.86 27.43
C ILE C 34 8.41 -27.90 27.62
N SER C 35 9.59 -28.36 27.19
CA SER C 35 10.85 -27.65 27.36
C SER C 35 11.52 -27.35 26.02
N ASN C 36 12.54 -26.49 26.10
CA ASN C 36 13.40 -26.14 24.95
C ASN C 36 14.59 -27.12 24.81
N ALA C 41 9.51 -22.33 26.38
CA ALA C 41 9.19 -23.43 27.32
C ALA C 41 7.98 -23.02 28.16
N TYR C 42 7.09 -23.97 28.44
CA TYR C 42 5.80 -23.64 29.08
C TYR C 42 5.09 -24.86 29.70
N ASP C 43 3.94 -24.62 30.34
CA ASP C 43 3.12 -25.68 30.94
C ASP C 43 1.68 -25.57 30.51
N GLN C 44 1.10 -26.72 30.18
CA GLN C 44 -0.32 -26.81 29.86
C GLN C 44 -1.00 -27.93 30.66
N THR C 45 -2.33 -27.92 30.63
CA THR C 45 -3.13 -28.85 31.38
C THR C 45 -4.31 -29.25 30.51
N VAL C 46 -4.17 -30.41 29.86
CA VAL C 46 -5.18 -30.91 28.92
C VAL C 46 -6.20 -31.80 29.60
N SER C 47 -7.45 -31.62 29.20
CA SER C 47 -8.55 -32.44 29.67
C SER C 47 -9.51 -32.77 28.54
N GLY C 48 -10.33 -33.79 28.74
CA GLY C 48 -11.23 -34.25 27.70
C GLY C 48 -12.32 -35.20 28.14
N LEU C 49 -13.33 -35.30 27.28
CA LEU C 49 -14.43 -36.20 27.50
C LEU C 49 -14.60 -36.97 26.19
N GLU C 50 -14.66 -38.30 26.30
CA GLU C 50 -14.87 -39.14 25.13
C GLU C 50 -16.07 -40.05 25.31
N ILE C 51 -16.78 -40.26 24.22
CA ILE C 51 -17.94 -41.13 24.19
C ILE C 51 -17.89 -41.89 22.88
N GLY C 52 -18.15 -43.19 22.93
CA GLY C 52 -18.09 -44.02 21.75
C GLY C 52 -18.96 -45.25 21.88
N LEU C 53 -19.44 -45.74 20.74
CA LEU C 53 -20.20 -46.97 20.64
C LEU C 53 -19.52 -47.83 19.59
N ASP C 54 -19.50 -49.14 19.80
CA ASP C 54 -18.99 -50.08 18.81
C ASP C 54 -19.86 -51.31 18.61
N ARG C 55 -19.79 -51.88 17.41
CA ARG C 55 -20.38 -53.19 17.08
C ARG C 55 -19.40 -54.30 17.45
N GLY C 56 -19.91 -55.40 17.98
CA GLY C 56 -19.08 -56.56 18.27
C GLY C 56 -19.60 -57.81 17.59
N TRP C 57 -19.07 -58.10 16.40
CA TRP C 57 -19.36 -59.34 15.69
C TRP C 57 -18.27 -60.38 16.00
N SER C 58 -18.12 -61.41 15.16
CA SER C 58 -17.07 -62.43 15.38
C SER C 58 -16.58 -63.10 14.08
N ALA C 59 -15.76 -62.38 13.34
CA ALA C 59 -15.27 -62.84 12.03
C ALA C 59 -13.91 -63.57 12.05
N SER C 60 -13.34 -63.77 10.86
CA SER C 60 -12.16 -64.61 10.63
C SER C 60 -10.99 -64.38 11.58
N GLY C 61 -10.60 -65.45 12.29
CA GLY C 61 -9.54 -65.39 13.29
C GLY C 61 -10.02 -65.23 14.71
N GLY C 62 -11.13 -64.52 14.88
CA GLY C 62 -11.65 -64.23 16.22
C GLY C 62 -12.76 -63.20 16.21
N ARG C 63 -12.48 -62.02 16.75
CA ARG C 63 -13.51 -60.98 16.78
C ARG C 63 -13.03 -59.55 16.47
N TRP C 64 -13.77 -58.87 15.58
CA TRP C 64 -13.56 -57.45 15.28
C TRP C 64 -14.50 -56.59 16.12
N TYR C 65 -14.21 -55.30 16.20
CA TYR C 65 -15.05 -54.31 16.86
C TYR C 65 -14.95 -53.02 16.07
N ALA C 66 -16.07 -52.36 15.79
CA ALA C 66 -16.05 -51.13 15.01
C ALA C 66 -17.08 -50.13 15.51
N GLY C 67 -16.73 -48.85 15.53
CA GLY C 67 -17.65 -47.83 16.04
C GLY C 67 -17.20 -46.41 15.80
N GLY C 68 -18.05 -45.46 16.20
CA GLY C 68 -17.71 -44.05 16.13
C GLY C 68 -17.49 -43.52 17.53
N LEU C 69 -17.02 -42.28 17.65
CA LEU C 69 -16.84 -41.64 18.97
C LEU C 69 -16.95 -40.14 18.93
N LEU C 70 -17.43 -39.58 20.05
CA LEU C 70 -17.53 -38.13 20.24
C LEU C 70 -16.57 -37.69 21.33
N GLY C 71 -16.00 -36.51 21.19
CA GLY C 71 -15.08 -36.00 22.22
C GLY C 71 -14.98 -34.50 22.37
N TYR C 72 -14.81 -34.07 23.63
CA TYR C 72 -14.55 -32.68 23.95
C TYR C 72 -13.18 -32.53 24.59
N THR C 73 -12.51 -31.41 24.33
CA THR C 73 -11.18 -31.19 24.89
C THR C 73 -10.91 -29.74 25.33
N TYR C 74 -10.32 -29.58 26.51
CA TYR C 74 -9.90 -28.28 27.03
C TYR C 74 -8.41 -28.27 27.44
N ALA C 75 -7.58 -27.63 26.62
CA ALA C 75 -6.19 -27.40 26.97
C ALA C 75 -6.04 -25.97 27.50
N ASP C 76 -5.28 -25.83 28.58
CA ASP C 76 -5.15 -24.57 29.32
C ASP C 76 -3.67 -24.23 29.59
N ARG C 77 -3.13 -23.32 28.78
CA ARG C 77 -1.68 -23.09 28.76
C ARG C 77 -1.18 -21.89 29.56
N THR C 78 0.11 -21.93 29.89
CA THR C 78 0.76 -20.88 30.66
C THR C 78 2.21 -20.76 30.19
N TYR C 79 2.58 -19.57 29.71
CA TYR C 79 3.96 -19.22 29.43
C TYR C 79 4.49 -18.43 30.62
N PRO C 80 5.74 -18.68 31.02
CA PRO C 80 6.33 -18.10 32.24
C PRO C 80 6.03 -16.60 32.44
N GLY C 81 5.07 -16.31 33.33
CA GLY C 81 4.78 -14.96 33.79
C GLY C 81 4.08 -14.00 32.83
N ASP C 82 4.18 -14.27 31.52
CA ASP C 82 3.69 -13.34 30.49
C ASP C 82 2.16 -13.33 30.40
N GLY C 83 1.60 -14.51 30.09
CA GLY C 83 0.17 -14.72 29.97
C GLY C 83 -0.05 -16.20 29.72
N GLY C 84 -1.00 -16.53 28.85
CA GLY C 84 -1.19 -17.91 28.50
C GLY C 84 -2.22 -18.17 27.43
N GLY C 85 -2.14 -19.34 26.80
CA GLY C 85 -3.11 -19.79 25.81
C GLY C 85 -4.26 -20.63 26.35
N LYS C 86 -5.25 -20.86 25.49
CA LYS C 86 -6.44 -21.59 25.88
C LYS C 86 -6.85 -22.31 24.62
N VAL C 87 -7.19 -23.59 24.76
CA VAL C 87 -7.71 -24.33 23.61
C VAL C 87 -8.93 -25.17 23.99
N LYS C 88 -10.09 -24.79 23.45
CA LYS C 88 -11.33 -25.55 23.57
C LYS C 88 -11.51 -26.30 22.27
N GLY C 89 -11.99 -27.54 22.35
CA GLY C 89 -12.18 -28.31 21.13
C GLY C 89 -13.38 -29.22 21.05
N LEU C 90 -13.42 -29.98 19.96
CA LEU C 90 -14.53 -30.87 19.65
C LEU C 90 -14.05 -31.76 18.50
N HIS C 91 -14.28 -33.06 18.63
CA HIS C 91 -13.82 -34.00 17.62
C HIS C 91 -14.71 -35.21 17.52
N VAL C 92 -14.69 -35.84 16.35
CA VAL C 92 -15.32 -37.15 16.12
C VAL C 92 -14.36 -38.15 15.43
N GLY C 93 -14.82 -39.37 15.23
CA GLY C 93 -14.06 -40.33 14.43
C GLY C 93 -14.41 -41.79 14.63
N GLY C 94 -13.89 -42.63 13.74
CA GLY C 94 -14.07 -44.07 13.83
C GLY C 94 -12.86 -44.78 14.37
N TYR C 95 -13.09 -45.95 14.97
CA TYR C 95 -12.03 -46.80 15.50
C TYR C 95 -12.44 -48.26 15.31
N ALA C 96 -11.54 -49.06 14.77
CA ALA C 96 -11.80 -50.49 14.60
C ALA C 96 -10.70 -51.32 15.26
N ALA C 97 -11.12 -52.21 16.16
CA ALA C 97 -10.18 -53.10 16.85
C ALA C 97 -10.39 -54.55 16.45
N TYR C 98 -9.30 -55.31 16.43
CA TYR C 98 -9.32 -56.77 16.23
C TYR C 98 -8.66 -57.45 17.44
N VAL C 99 -9.42 -58.24 18.20
CA VAL C 99 -8.81 -59.11 19.21
C VAL C 99 -8.71 -60.52 18.64
N GLY C 100 -7.52 -61.11 18.72
CA GLY C 100 -7.27 -62.47 18.27
C GLY C 100 -7.51 -63.49 19.38
N ASP C 101 -7.92 -64.69 18.99
CA ASP C 101 -8.19 -65.76 19.93
C ASP C 101 -6.91 -66.21 20.63
N GLY C 102 -5.78 -66.06 19.93
CA GLY C 102 -4.47 -66.29 20.50
C GLY C 102 -4.21 -65.22 21.54
N GLY C 103 -3.81 -64.04 21.08
CA GLY C 103 -3.44 -62.95 21.99
C GLY C 103 -3.08 -61.66 21.28
N TYR C 104 -2.76 -61.78 19.99
CA TYR C 104 -2.51 -60.62 19.12
C TYR C 104 -3.77 -59.76 19.15
N TYR C 105 -3.62 -58.52 19.62
CA TYR C 105 -4.71 -57.54 19.49
C TYR C 105 -4.27 -56.42 18.59
N LEU C 106 -5.22 -55.75 17.97
CA LEU C 106 -4.96 -54.47 17.36
C LEU C 106 -6.18 -53.55 17.44
N ASP C 107 -5.91 -52.26 17.72
CA ASP C 107 -6.88 -51.16 17.55
C ASP C 107 -6.33 -50.11 16.60
N THR C 108 -7.20 -49.51 15.80
CA THR C 108 -6.84 -48.32 15.05
C THR C 108 -7.94 -47.26 15.19
N VAL C 109 -7.53 -45.99 15.21
CA VAL C 109 -8.46 -44.90 15.46
C VAL C 109 -8.07 -43.67 14.65
N LEU C 110 -9.06 -43.00 14.08
CA LEU C 110 -8.83 -41.75 13.37
C LEU C 110 -9.79 -40.70 13.90
N ARG C 111 -9.22 -39.66 14.49
CA ARG C 111 -9.98 -38.59 15.09
C ARG C 111 -9.87 -37.33 14.26
N LEU C 112 -11.01 -36.72 13.94
CA LEU C 112 -11.07 -35.48 13.16
C LEU C 112 -11.79 -34.41 13.97
N GLY C 113 -11.11 -33.28 14.25
CA GLY C 113 -11.64 -32.26 15.17
C GLY C 113 -11.28 -30.81 14.91
N ARG C 114 -12.14 -29.89 15.40
CA ARG C 114 -11.94 -28.42 15.32
C ARG C 114 -11.62 -27.78 16.69
N TYR C 115 -10.63 -26.90 16.71
CA TYR C 115 -10.18 -26.31 17.96
C TYR C 115 -10.19 -24.80 17.94
N ASP C 116 -10.75 -24.18 18.98
CA ASP C 116 -10.64 -22.73 19.19
C ASP C 116 -9.51 -22.38 20.15
N GLN C 117 -8.51 -21.65 19.66
CA GLN C 117 -7.49 -21.18 20.59
C GLN C 117 -7.52 -19.69 20.86
N GLN C 118 -6.99 -19.34 22.03
CA GLN C 118 -6.87 -17.96 22.48
C GLN C 118 -5.54 -17.75 23.17
N TYR C 119 -4.64 -17.04 22.50
CA TYR C 119 -3.37 -16.61 23.08
C TYR C 119 -3.44 -15.17 23.58
N ASN C 120 -2.75 -14.94 24.69
CA ASN C 120 -2.81 -13.72 25.43
C ASN C 120 -1.40 -13.40 25.92
N ILE C 121 -0.58 -12.90 24.98
CA ILE C 121 0.85 -12.64 25.19
C ILE C 121 1.14 -11.32 25.94
N ALA C 122 2.30 -11.29 26.60
CA ALA C 122 3.02 -10.05 26.94
C ALA C 122 4.46 -10.24 26.40
N GLY C 123 5.05 -9.17 25.85
CA GLY C 123 6.32 -9.29 25.11
C GLY C 123 7.60 -8.90 25.81
N THR C 124 7.69 -9.18 27.11
CA THR C 124 8.86 -8.85 27.97
C THR C 124 9.31 -7.38 27.85
N ASP C 125 8.44 -6.51 28.38
CA ASP C 125 8.41 -5.05 28.17
C ASP C 125 7.21 -4.77 27.26
N GLY C 126 6.69 -3.54 27.33
CA GLY C 126 5.66 -3.04 26.40
C GLY C 126 4.68 -3.98 25.71
N GLY C 127 5.19 -4.89 24.87
CA GLY C 127 4.38 -5.75 23.98
C GLY C 127 3.15 -6.45 24.53
N ARG C 128 2.10 -6.52 23.72
CA ARG C 128 0.83 -7.12 24.16
C ARG C 128 -0.07 -7.56 22.99
N VAL C 129 0.24 -8.71 22.38
CA VAL C 129 -0.60 -9.26 21.32
C VAL C 129 -1.66 -10.20 21.89
N THR C 130 -2.80 -10.30 21.20
CA THR C 130 -3.93 -11.12 21.64
C THR C 130 -4.64 -11.73 20.43
N ALA C 131 -4.42 -13.04 20.23
CA ALA C 131 -4.92 -13.75 19.06
C ALA C 131 -5.90 -14.86 19.41
N ASP C 132 -7.11 -14.79 18.84
CA ASP C 132 -8.11 -15.84 18.99
C ASP C 132 -8.47 -16.41 17.65
N TYR C 133 -8.54 -17.74 17.55
CA TYR C 133 -8.86 -18.33 16.25
C TYR C 133 -9.21 -19.82 16.24
N ARG C 134 -9.57 -20.29 15.04
CA ARG C 134 -10.05 -21.64 14.77
C ARG C 134 -9.03 -22.44 13.95
N THR C 135 -8.60 -23.59 14.47
CA THR C 135 -7.88 -24.61 13.66
C THR C 135 -8.48 -26.01 13.77
N SER C 136 -8.03 -26.90 12.88
CA SER C 136 -8.42 -28.30 12.92
C SER C 136 -7.29 -29.23 13.33
N GLY C 137 -7.68 -30.39 13.87
CA GLY C 137 -6.74 -31.44 14.25
C GLY C 137 -7.19 -32.79 13.72
N ALA C 138 -6.21 -33.61 13.37
CA ALA C 138 -6.45 -34.94 12.81
C ALA C 138 -5.44 -35.92 13.37
N ALA C 139 -5.91 -36.86 14.17
CA ALA C 139 -5.02 -37.79 14.84
C ALA C 139 -5.31 -39.25 14.48
N TRP C 140 -4.52 -39.77 13.55
CA TRP C 140 -4.62 -41.17 13.09
C TRP C 140 -3.71 -42.06 13.93
N SER C 141 -4.30 -42.95 14.70
CA SER C 141 -3.52 -43.85 15.53
C SER C 141 -3.77 -45.34 15.22
N LEU C 142 -2.68 -46.07 15.01
CA LEU C 142 -2.73 -47.51 14.85
C LEU C 142 -1.83 -48.20 15.88
N GLU C 143 -2.44 -48.81 16.88
CA GLU C 143 -1.71 -49.55 17.91
C GLU C 143 -1.93 -51.05 17.69
N GLY C 144 -1.05 -51.87 18.27
CA GLY C 144 -1.22 -53.33 18.25
C GLY C 144 -0.13 -54.11 18.95
N GLY C 145 -0.50 -54.91 19.96
CA GLY C 145 0.44 -55.80 20.66
C GLY C 145 -0.02 -57.24 20.79
N ARG C 146 0.41 -57.92 21.87
CA ARG C 146 0.13 -59.35 22.07
C ARG C 146 0.12 -59.70 23.56
N ARG C 147 -0.83 -60.53 23.97
CA ARG C 147 -0.93 -60.96 25.37
C ARG C 147 -0.22 -62.31 25.61
N PHE C 148 0.53 -62.37 26.70
CA PHE C 148 1.17 -63.62 27.14
C PHE C 148 0.75 -64.00 28.55
N GLU C 149 0.22 -65.22 28.71
CA GLU C 149 -0.20 -65.71 30.03
C GLU C 149 0.95 -66.33 30.79
N LEU C 150 0.93 -66.20 32.11
CA LEU C 150 1.98 -66.75 32.99
C LEU C 150 1.46 -67.10 34.39
N PRO C 151 2.13 -68.04 35.10
CA PRO C 151 1.70 -68.63 36.38
C PRO C 151 1.15 -67.63 37.38
N ASN C 152 0.20 -68.10 38.20
CA ASN C 152 -0.44 -67.30 39.25
C ASN C 152 -1.53 -66.35 38.70
N ASP C 153 -1.79 -66.43 37.39
CA ASP C 153 -2.71 -65.53 36.64
C ASP C 153 -2.10 -64.21 36.14
N TRP C 154 -0.77 -64.13 36.10
CA TRP C 154 -0.07 -62.98 35.55
C TRP C 154 -0.10 -62.97 34.02
N PHE C 155 0.25 -61.82 33.44
CA PHE C 155 0.31 -61.63 31.99
C PHE C 155 1.30 -60.53 31.57
N ALA C 156 2.02 -60.77 30.48
CA ALA C 156 2.83 -59.74 29.86
C ALA C 156 2.18 -59.35 28.54
N GLU C 157 2.51 -58.14 28.07
CA GLU C 157 1.80 -57.55 26.95
C GLU C 157 2.62 -56.45 26.26
N PRO C 158 3.58 -56.84 25.39
CA PRO C 158 4.28 -55.81 24.64
C PRO C 158 3.35 -55.16 23.60
N GLN C 159 3.17 -53.85 23.71
CA GLN C 159 2.34 -53.09 22.78
C GLN C 159 3.16 -52.06 21.99
N ALA C 160 2.91 -52.00 20.69
CA ALA C 160 3.58 -51.08 19.77
C ALA C 160 2.56 -50.22 19.06
N GLU C 161 2.75 -48.91 19.12
CA GLU C 161 1.78 -47.94 18.62
C GLU C 161 2.45 -46.90 17.75
N VAL C 162 1.76 -46.41 16.75
CA VAL C 162 2.29 -45.36 15.90
C VAL C 162 1.21 -44.31 15.68
N MET C 163 1.44 -43.09 16.17
CA MET C 163 0.44 -42.02 16.11
C MET C 163 0.81 -41.10 14.95
N LEU C 164 -0.17 -40.35 14.47
CA LEU C 164 0.07 -39.28 13.52
C LEU C 164 -0.96 -38.20 13.84
N TRP C 165 -0.49 -37.01 14.18
CA TRP C 165 -1.38 -35.87 14.22
C TRP C 165 -0.87 -34.74 13.35
N ARG C 166 -1.81 -34.09 12.69
CA ARG C 166 -1.56 -32.96 11.81
C ARG C 166 -2.54 -31.86 12.20
N THR C 167 -2.03 -30.64 12.28
CA THR C 167 -2.86 -29.50 12.56
C THR C 167 -2.72 -28.41 11.48
N SER C 168 -3.74 -27.58 11.32
CA SER C 168 -3.75 -26.52 10.31
C SER C 168 -2.83 -25.31 10.64
N GLY C 169 -2.14 -24.80 9.62
CA GLY C 169 -1.16 -23.74 9.77
C GLY C 169 -1.47 -22.44 9.05
N LYS C 170 -2.64 -21.90 9.40
CA LYS C 170 -3.09 -20.55 9.03
C LYS C 170 -2.01 -19.43 9.18
N ARG C 171 -2.05 -18.42 8.30
CA ARG C 171 -1.09 -17.30 8.37
C ARG C 171 -1.74 -15.98 7.91
N TYR C 172 -1.67 -14.96 8.77
CA TYR C 172 -2.16 -13.60 8.40
C TYR C 172 -1.16 -12.45 8.55
N ARG C 173 -1.39 -11.38 7.79
CA ARG C 173 -0.50 -10.19 7.78
C ARG C 173 -1.27 -8.92 7.43
N ALA C 174 -0.62 -7.78 7.64
CA ALA C 174 -1.15 -6.47 7.27
C ALA C 174 0.03 -5.59 6.89
N SER C 175 0.02 -5.12 5.64
CA SER C 175 1.21 -4.55 4.98
C SER C 175 2.21 -3.80 5.87
N ASN C 176 2.14 -2.47 5.90
CA ASN C 176 3.15 -1.65 6.55
C ASN C 176 3.18 -1.85 8.06
N GLY C 177 3.49 -3.07 8.48
CA GLY C 177 3.60 -3.41 9.89
C GLY C 177 3.60 -4.88 10.26
N LEU C 178 2.46 -5.34 10.77
CA LEU C 178 2.40 -6.57 11.56
C LEU C 178 2.24 -7.87 10.75
N ARG C 179 2.83 -8.93 11.28
CA ARG C 179 2.81 -10.26 10.67
C ARG C 179 2.64 -11.35 11.75
N VAL C 180 1.65 -12.22 11.58
CA VAL C 180 1.49 -13.39 12.48
C VAL C 180 1.41 -14.73 11.74
N LYS C 181 1.94 -15.78 12.39
CA LYS C 181 2.08 -17.10 11.76
C LYS C 181 1.62 -18.22 12.69
N VAL C 182 0.63 -18.98 12.27
CA VAL C 182 0.28 -20.22 12.97
C VAL C 182 0.95 -21.38 12.25
N ASP C 183 1.54 -22.29 13.02
CA ASP C 183 2.29 -23.40 12.42
C ASP C 183 1.43 -24.65 12.18
N ALA C 184 1.65 -25.27 11.02
CA ALA C 184 1.02 -26.52 10.66
C ALA C 184 1.95 -27.64 11.11
N ASN C 185 1.90 -27.96 12.41
CA ASN C 185 2.77 -29.01 12.93
C ASN C 185 2.17 -30.41 12.80
N THR C 186 2.91 -31.24 12.08
CA THR C 186 2.51 -32.60 11.74
C THR C 186 3.58 -33.55 12.30
N ALA C 187 3.16 -34.61 12.98
CA ALA C 187 4.11 -35.41 13.76
C ALA C 187 4.11 -36.93 13.52
N THR C 188 5.05 -37.61 14.18
CA THR C 188 5.24 -39.06 14.08
C THR C 188 5.69 -39.56 15.45
N LEU C 189 4.73 -40.03 16.23
CA LEU C 189 4.99 -40.54 17.57
C LEU C 189 5.00 -42.08 17.55
N GLY C 190 6.15 -42.67 17.88
CA GLY C 190 6.31 -44.12 17.91
C GLY C 190 6.53 -44.67 19.31
N ARG C 191 5.45 -45.13 19.92
CA ARG C 191 5.46 -45.68 21.27
C ARG C 191 5.85 -47.15 21.28
N LEU C 192 6.61 -47.57 22.30
CA LEU C 192 6.86 -48.99 22.57
C LEU C 192 6.79 -49.21 24.07
N GLY C 193 5.92 -50.11 24.49
CA GLY C 193 5.72 -50.35 25.90
C GLY C 193 5.30 -51.77 26.20
N LEU C 194 5.11 -52.05 27.48
CA LEU C 194 4.73 -53.37 27.93
C LEU C 194 3.94 -53.28 29.22
N ARG C 195 2.70 -53.78 29.22
CA ARG C 195 1.96 -53.90 30.47
C ARG C 195 2.06 -55.30 31.11
N PHE C 196 2.60 -55.28 32.31
CA PHE C 196 2.82 -56.46 33.12
C PHE C 196 1.97 -56.33 34.38
N GLY C 197 0.94 -57.17 34.44
CA GLY C 197 0.10 -57.28 35.62
C GLY C 197 -0.48 -58.67 35.75
N ARG C 198 -1.59 -58.76 36.46
CA ARG C 198 -2.24 -60.03 36.78
C ARG C 198 -3.74 -59.79 36.81
N ARG C 199 -4.53 -60.86 36.66
CA ARG C 199 -5.97 -60.78 36.88
C ARG C 199 -6.37 -61.67 38.02
N ILE C 200 -7.02 -61.10 39.04
CA ILE C 200 -7.61 -61.92 40.09
C ILE C 200 -9.13 -62.03 39.88
N ALA C 201 -9.68 -63.17 40.31
CA ALA C 201 -11.12 -63.41 40.24
C ALA C 201 -11.75 -63.25 41.63
N LEU C 202 -12.81 -62.46 41.71
CA LEU C 202 -13.47 -62.13 42.98
C LEU C 202 -14.83 -62.81 43.07
N ALA C 203 -15.28 -63.10 44.29
CA ALA C 203 -16.51 -63.87 44.54
C ALA C 203 -17.81 -63.18 44.08
N GLY C 204 -18.19 -63.47 42.84
CA GLY C 204 -19.35 -62.89 42.18
C GLY C 204 -19.15 -62.92 40.67
N GLY C 205 -17.99 -63.42 40.25
CA GLY C 205 -17.60 -63.45 38.84
C GLY C 205 -16.67 -62.30 38.47
N ASN C 206 -16.67 -61.25 39.30
CA ASN C 206 -15.98 -59.99 39.02
C ASN C 206 -14.44 -60.09 38.99
N ILE C 207 -13.82 -59.40 38.03
CA ILE C 207 -12.36 -59.46 37.80
C ILE C 207 -11.66 -58.13 38.08
N VAL C 208 -10.79 -58.11 39.09
CA VAL C 208 -9.93 -56.96 39.37
C VAL C 208 -8.64 -57.13 38.55
N GLN C 209 -7.95 -56.03 38.21
CA GLN C 209 -6.72 -56.13 37.42
C GLN C 209 -5.56 -55.14 37.74
N PRO C 210 -4.89 -55.33 38.90
CA PRO C 210 -3.67 -54.54 39.19
C PRO C 210 -2.51 -54.87 38.26
N TYR C 211 -2.12 -53.89 37.44
CA TYR C 211 -0.99 -54.02 36.51
C TYR C 211 -0.10 -52.75 36.46
N ALA C 212 1.16 -52.95 36.09
CA ALA C 212 2.08 -51.84 35.85
C ALA C 212 2.35 -51.72 34.36
N ARG C 213 2.18 -50.52 33.81
CA ARG C 213 2.60 -50.26 32.43
C ARG C 213 3.91 -49.50 32.43
N LEU C 214 4.70 -49.72 31.39
CA LEU C 214 6.07 -49.29 31.34
C LEU C 214 6.49 -49.31 29.89
N GLY C 215 7.15 -48.24 29.46
CA GLY C 215 7.53 -48.11 28.07
C GLY C 215 8.15 -46.78 27.76
N TRP C 216 8.42 -46.55 26.48
CA TRP C 216 9.12 -45.37 26.01
C TRP C 216 8.55 -44.99 24.64
N THR C 217 8.45 -43.69 24.40
CA THR C 217 7.97 -43.19 23.13
C THR C 217 8.91 -42.11 22.61
N GLN C 218 9.35 -42.24 21.36
CA GLN C 218 10.11 -41.20 20.68
C GLN C 218 9.17 -40.33 19.86
N GLU C 219 9.66 -39.19 19.37
CA GLU C 219 8.87 -38.37 18.47
C GLU C 219 9.70 -37.71 17.37
N PHE C 220 9.24 -37.89 16.13
CA PHE C 220 9.69 -37.10 15.00
C PHE C 220 8.58 -36.08 14.73
N LYS C 221 8.86 -34.78 14.92
CA LYS C 221 7.83 -33.74 14.79
C LYS C 221 8.20 -32.57 13.86
N SER C 222 7.85 -32.70 12.58
CA SER C 222 8.04 -31.64 11.57
C SER C 222 6.99 -30.53 11.75
N THR C 223 7.27 -29.61 12.68
CA THR C 223 6.36 -28.49 12.98
C THR C 223 6.04 -27.66 11.74
N GLY C 237 15.68 -31.54 16.37
CA GLY C 237 16.06 -32.45 17.44
C GLY C 237 15.00 -33.50 17.75
N ARG C 238 15.28 -34.74 17.38
CA ARG C 238 14.47 -35.90 17.77
C ARG C 238 14.46 -36.05 19.31
N HIS C 239 13.27 -36.20 19.91
CA HIS C 239 13.16 -36.39 21.36
C HIS C 239 12.42 -37.65 21.80
N GLY C 240 13.07 -38.40 22.70
CA GLY C 240 12.47 -39.55 23.35
C GLY C 240 11.71 -39.11 24.58
N ARG C 241 11.21 -40.09 25.32
CA ARG C 241 10.28 -39.85 26.41
C ARG C 241 9.88 -41.21 27.01
N VAL C 242 10.47 -41.49 28.16
CA VAL C 242 10.29 -42.77 28.84
C VAL C 242 9.19 -42.63 29.87
N GLU C 243 8.14 -43.44 29.73
CA GLU C 243 6.93 -43.35 30.56
C GLU C 243 6.75 -44.48 31.56
N LEU C 244 5.96 -44.18 32.60
CA LEU C 244 5.66 -45.12 33.66
C LEU C 244 4.18 -44.95 34.00
N GLY C 245 3.49 -46.07 34.14
CA GLY C 245 2.07 -46.08 34.47
C GLY C 245 1.71 -47.12 35.51
N ALA C 246 0.51 -47.00 36.07
CA ALA C 246 -0.01 -47.98 37.02
C ALA C 246 -1.53 -47.99 36.93
N GLY C 247 -2.10 -49.12 36.50
CA GLY C 247 -3.53 -49.20 36.23
C GLY C 247 -4.28 -50.23 37.03
N VAL C 248 -5.53 -49.89 37.37
CA VAL C 248 -6.43 -50.77 38.11
C VAL C 248 -7.74 -50.93 37.32
N ASP C 249 -8.16 -52.18 37.07
CA ASP C 249 -9.38 -52.44 36.30
C ASP C 249 -10.43 -53.24 37.07
N ALA C 250 -11.68 -53.14 36.61
CA ALA C 250 -12.78 -53.88 37.20
C ALA C 250 -13.77 -54.38 36.15
N ALA C 251 -13.95 -55.70 36.07
CA ALA C 251 -14.96 -56.33 35.22
C ALA C 251 -16.23 -56.64 36.02
N LEU C 252 -16.91 -55.59 36.46
CA LEU C 252 -18.08 -55.67 37.38
C LEU C 252 -19.27 -56.38 36.75
N GLY C 253 -20.01 -57.11 37.58
CA GLY C 253 -21.17 -57.90 37.17
C GLY C 253 -22.08 -57.42 36.05
N LYS C 254 -22.29 -58.31 35.08
CA LYS C 254 -23.35 -58.24 34.06
C LYS C 254 -23.47 -56.91 33.32
N GLY C 255 -22.33 -56.37 32.88
CA GLY C 255 -22.31 -55.19 32.03
C GLY C 255 -21.22 -54.18 32.31
N HIS C 256 -20.83 -54.05 33.57
CA HIS C 256 -20.07 -52.89 34.10
C HIS C 256 -18.54 -52.96 33.98
N ASN C 257 -17.91 -51.81 33.72
CA ASN C 257 -16.44 -51.69 33.68
C ASN C 257 -15.83 -50.37 34.22
N LEU C 258 -14.58 -50.47 34.65
CA LEU C 258 -13.82 -49.38 35.27
C LEU C 258 -12.36 -49.33 34.79
N TYR C 259 -11.91 -48.16 34.32
CA TYR C 259 -10.49 -47.96 33.97
C TYR C 259 -9.94 -46.79 34.75
N ALA C 260 -8.85 -47.01 35.46
CA ALA C 260 -8.19 -45.92 36.19
C ALA C 260 -6.68 -46.11 36.22
N SER C 261 -5.98 -45.33 35.40
CA SER C 261 -4.51 -45.35 35.33
C SER C 261 -3.88 -44.05 35.79
N TYR C 262 -2.56 -44.00 35.73
CA TYR C 262 -1.81 -42.83 36.11
C TYR C 262 -0.49 -42.93 35.38
N GLU C 263 -0.22 -41.94 34.53
CA GLU C 263 1.05 -41.88 33.81
C GLU C 263 2.06 -40.98 34.52
N TYR C 264 3.29 -40.96 33.99
CA TYR C 264 4.40 -40.28 34.60
C TYR C 264 5.57 -40.50 33.65
N ALA C 265 5.86 -39.47 32.86
CA ALA C 265 6.89 -39.56 31.84
C ALA C 265 7.93 -38.45 32.01
N ALA C 266 9.18 -38.79 31.77
CA ALA C 266 10.24 -37.80 31.67
C ALA C 266 10.79 -37.85 30.26
N GLY C 267 11.45 -36.77 29.85
CA GLY C 267 12.03 -36.65 28.51
C GLY C 267 12.88 -35.41 28.43
N ASP C 268 13.65 -35.28 27.36
CA ASP C 268 14.55 -34.12 27.20
C ASP C 268 13.94 -32.89 26.50
N ARG C 269 12.62 -32.77 26.59
CA ARG C 269 11.88 -31.56 26.18
C ARG C 269 10.34 -31.75 26.24
N ILE C 270 9.90 -32.69 27.08
CA ILE C 270 8.48 -32.88 27.43
C ILE C 270 8.51 -33.59 28.78
N ASN C 271 7.72 -33.12 29.73
CA ASN C 271 7.70 -33.73 31.04
C ASN C 271 6.28 -33.86 31.52
N ILE C 272 5.88 -35.07 31.88
CA ILE C 272 4.57 -35.26 32.48
C ILE C 272 4.73 -35.71 33.92
N PRO C 273 4.39 -34.83 34.88
CA PRO C 273 4.26 -35.25 36.27
C PRO C 273 3.01 -36.13 36.49
N TRP C 274 1.89 -35.75 35.92
CA TRP C 274 0.63 -36.45 36.19
C TRP C 274 -0.35 -36.55 35.01
N SER C 275 -0.79 -37.77 34.75
CA SER C 275 -1.89 -38.03 33.83
C SER C 275 -2.95 -38.90 34.50
N PHE C 276 -4.22 -38.64 34.18
CA PHE C 276 -5.32 -39.37 34.79
C PHE C 276 -6.33 -39.81 33.74
N HIS C 277 -6.79 -41.05 33.87
CA HIS C 277 -7.80 -41.60 32.96
C HIS C 277 -8.87 -42.33 33.76
N ALA C 278 -10.13 -42.12 33.38
CA ALA C 278 -11.26 -42.75 34.02
C ALA C 278 -12.21 -43.26 32.94
N GLY C 279 -12.30 -44.58 32.81
CA GLY C 279 -13.13 -45.19 31.79
C GLY C 279 -14.33 -45.96 32.32
N TYR C 280 -15.28 -46.23 31.42
CA TYR C 280 -16.45 -47.07 31.69
C TYR C 280 -17.01 -47.60 30.36
N ARG C 281 -17.22 -48.92 30.30
CA ARG C 281 -17.75 -49.61 29.12
C ARG C 281 -19.02 -50.38 29.45
N TYR C 282 -19.85 -50.64 28.43
CA TYR C 282 -21.06 -51.45 28.61
C TYR C 282 -21.39 -52.44 27.47
N SER C 283 -21.67 -53.69 27.86
CA SER C 283 -22.11 -54.76 26.95
C SER C 283 -23.62 -54.75 26.70
N PHE C 284 -24.38 -54.76 27.81
CA PHE C 284 -25.86 -54.73 27.83
C PHE C 284 -26.54 -56.11 27.65
#